data_6MOU
#
_entry.id   6MOU
#
_cell.length_a   95.206
_cell.length_b   95.206
_cell.length_c   202.609
_cell.angle_alpha   90.000
_cell.angle_beta   90.000
_cell.angle_gamma   120.000
#
_symmetry.space_group_name_H-M   'P 31 2 1'
#
loop_
_entity.id
_entity.type
_entity.pdbx_description
1 polymer 'Isoamylase N-terminal domain protein'
2 non-polymer 1,2-ETHANEDIOL
3 water water
#
_entity_poly.entity_id   1
_entity_poly.type   'polypeptide(L)'
_entity_poly.pdbx_seq_one_letter_code
;GSH(MSE)AS(MSE)TGGQQ(MSE)GRGS(MSE)QQQDFPAGTTPNEHNINGADYPRIGEDRRVHFRIHAPNAQKVEISF
RGE(MSE)TKEADGYWSLVSKEPEVIGFHYYQVIIDGVSAADPNGKPFFG(MSE)GKWVSGIEIPEKGVDYYSIKNVPHG
LISQSWYYSDIRKEWRRCIVYTPAEYDKNPTKKYPVLYLQHG(MSE)GENETSWANQGK(MSE)NFI(MSE)DNLIAEGK
AKP(MSE)IVV(MSE)DNGNIEVFKTNSGETPEDARKRFGAEFPAILVNEIIPHIESNFRTLTDRDNRA(MSE)AGLSWG
GLLTFNTTLNNLDKFAYIGGFSGAGSIDLKQLDTVYGGVFKNRKAFNDKVHVFFLGIGSEEHPERTKNLSDGLQAAGINT
IYYESPGTAHEFLTWRRCLKEFAPLLFKTK
;
_entity_poly.pdbx_strand_id   A,B
#
# COMPACT_ATOMS: atom_id res chain seq x y z
N ASP A 22 2.70 27.83 19.89
CA ASP A 22 2.69 26.38 19.67
C ASP A 22 3.91 25.89 18.85
N PHE A 23 3.83 26.02 17.48
CA PHE A 23 4.90 25.42 16.70
C PHE A 23 5.94 26.46 16.28
N PRO A 24 7.19 26.04 16.11
CA PRO A 24 8.23 26.97 15.65
C PRO A 24 7.78 27.73 14.40
N ALA A 25 8.22 28.97 14.29
CA ALA A 25 7.77 29.79 13.18
C ALA A 25 8.30 29.23 11.87
N GLY A 26 7.48 29.31 10.81
CA GLY A 26 7.92 28.91 9.50
C GLY A 26 8.06 27.43 9.28
N THR A 27 7.36 26.60 10.07
CA THR A 27 7.36 25.17 9.89
C THR A 27 5.94 24.69 9.59
N THR A 28 5.87 23.65 8.77
CA THR A 28 4.65 22.93 8.43
C THR A 28 4.92 21.47 8.70
N PRO A 29 3.88 20.66 8.93
CA PRO A 29 4.12 19.23 9.17
C PRO A 29 4.68 18.54 7.94
N ASN A 30 5.60 17.60 8.16
CA ASN A 30 6.13 16.78 7.09
C ASN A 30 5.00 16.12 6.31
N GLU A 31 5.14 16.09 4.98
CA GLU A 31 4.05 15.59 4.15
C GLU A 31 3.70 14.13 4.44
N HIS A 32 4.64 13.34 4.95
CA HIS A 32 4.40 11.92 5.13
C HIS A 32 4.00 11.57 6.56
N ASN A 33 3.56 12.56 7.35
CA ASN A 33 2.95 12.29 8.64
C ASN A 33 1.55 11.68 8.47
N ILE A 34 1.20 10.74 9.35
CA ILE A 34 -0.19 10.31 9.45
C ILE A 34 -1.09 11.48 9.88
N ASN A 35 -2.39 11.35 9.58
CA ASN A 35 -3.34 12.38 9.98
C ASN A 35 -3.30 12.58 11.50
N GLY A 36 -3.26 13.84 11.93
CA GLY A 36 -3.21 14.18 13.33
C GLY A 36 -1.82 14.34 13.92
N ALA A 37 -0.77 13.93 13.20
CA ALA A 37 0.60 14.03 13.70
C ALA A 37 1.20 15.38 13.32
N ASP A 38 1.37 16.25 14.32
CA ASP A 38 1.94 17.59 14.07
C ASP A 38 3.46 17.60 13.94
N TYR A 39 4.14 16.52 14.33
CA TYR A 39 5.58 16.38 14.14
C TYR A 39 5.88 15.04 13.48
N PRO A 40 6.99 14.93 12.74
CA PRO A 40 7.99 15.98 12.50
C PRO A 40 7.50 17.11 11.62
N ARG A 41 8.22 18.24 11.67
CA ARG A 41 7.88 19.44 10.92
C ARG A 41 9.04 19.86 10.02
N ILE A 42 8.71 20.44 8.87
CA ILE A 42 9.70 20.93 7.91
C ILE A 42 9.70 22.44 7.97
N GLY A 43 10.89 23.03 8.00
CA GLY A 43 10.98 24.47 8.08
C GLY A 43 11.32 25.13 6.77
N GLU A 44 11.05 26.43 6.65
CA GLU A 44 11.34 27.12 5.40
C GLU A 44 12.83 27.13 5.10
N ASP A 45 13.66 27.02 6.14
CA ASP A 45 15.09 26.88 5.90
C ASP A 45 15.50 25.43 5.63
N ARG A 46 14.54 24.55 5.36
CA ARG A 46 14.80 23.14 5.07
C ARG A 46 15.40 22.39 6.27
N ARG A 47 15.37 22.95 7.46
CA ARG A 47 15.69 22.16 8.66
C ARG A 47 14.45 21.37 9.08
N VAL A 48 14.69 20.19 9.67
CA VAL A 48 13.63 19.31 10.13
C VAL A 48 13.56 19.38 11.65
N HIS A 49 12.34 19.33 12.19
CA HIS A 49 12.11 19.43 13.63
C HIS A 49 11.45 18.14 14.09
N PHE A 50 12.18 17.32 14.85
CA PHE A 50 11.63 16.10 15.44
C PHE A 50 11.32 16.32 16.92
N ARG A 51 10.33 15.58 17.40
CA ARG A 51 9.85 15.75 18.78
C ARG A 51 9.10 14.50 19.18
N ILE A 52 9.62 13.80 20.19
CA ILE A 52 9.06 12.51 20.62
C ILE A 52 8.92 12.54 22.13
N HIS A 53 7.80 12.01 22.62
CA HIS A 53 7.59 11.80 24.04
C HIS A 53 8.13 10.42 24.41
N ALA A 54 9.19 10.40 25.22
CA ALA A 54 9.85 9.15 25.59
C ALA A 54 10.55 9.34 26.93
N PRO A 55 9.76 9.42 28.02
CA PRO A 55 10.35 9.81 29.30
C PRO A 55 11.19 8.71 29.93
N ASN A 56 10.93 7.45 29.60
CA ASN A 56 11.64 6.31 30.16
C ASN A 56 12.74 5.79 29.26
N ALA A 57 13.09 6.52 28.21
CA ALA A 57 14.18 6.07 27.35
C ALA A 57 15.49 6.73 27.79
N GLN A 58 16.59 5.99 27.65
CA GLN A 58 17.89 6.52 28.02
C GLN A 58 18.52 7.33 26.90
N LYS A 59 18.09 7.09 25.66
CA LYS A 59 18.76 7.62 24.48
C LYS A 59 17.82 7.46 23.30
N VAL A 60 17.63 8.54 22.55
CA VAL A 60 16.78 8.53 21.37
C VAL A 60 17.52 9.20 20.23
N GLU A 61 17.65 8.51 19.12
CA GLU A 61 18.27 9.07 17.93
C GLU A 61 17.30 9.06 16.75
N ILE A 62 17.61 9.89 15.77
CA ILE A 62 16.99 9.88 14.46
C ILE A 62 18.05 9.39 13.48
N SER A 63 17.72 8.37 12.70
CA SER A 63 18.70 7.79 11.80
C SER A 63 19.40 8.87 10.97
N PHE A 64 20.72 8.74 10.86
CA PHE A 64 21.61 9.62 10.10
C PHE A 64 21.73 11.01 10.69
N ARG A 65 21.09 11.29 11.83
CA ARG A 65 21.12 12.61 12.45
C ARG A 65 21.63 12.59 13.88
N GLY A 66 21.92 11.45 14.46
CA GLY A 66 22.48 11.43 15.78
C GLY A 66 21.45 11.59 16.88
N GLU A 67 21.94 12.00 18.05
CA GLU A 67 21.14 11.97 19.26
C GLU A 67 20.22 13.17 19.36
N THR A 69 17.97 15.77 21.92
CA THR A 69 18.14 16.45 23.18
C THR A 69 16.95 16.26 24.10
N LYS A 70 17.23 16.01 25.38
CA LYS A 70 16.19 15.88 26.41
C LYS A 70 15.55 17.23 26.71
N GLU A 71 14.22 17.23 26.89
CA GLU A 71 13.46 18.43 27.22
C GLU A 71 12.67 18.16 28.49
N ALA A 72 11.98 19.19 28.97
CA ALA A 72 11.07 19.04 30.08
C ALA A 72 9.93 18.08 29.73
N ASP A 73 9.22 17.63 30.76
CA ASP A 73 8.02 16.81 30.62
C ASP A 73 8.28 15.51 29.88
N GLY A 74 9.54 15.12 29.74
CA GLY A 74 9.86 13.82 29.19
C GLY A 74 9.97 13.77 27.69
N TYR A 75 10.05 14.93 27.03
CA TYR A 75 10.14 15.00 25.58
C TYR A 75 11.59 15.06 25.11
N TRP A 76 11.79 14.68 23.86
CA TRP A 76 13.07 14.79 23.18
C TRP A 76 12.86 15.61 21.92
N SER A 77 13.85 16.42 21.57
CA SER A 77 13.79 17.22 20.35
C SER A 77 15.08 17.05 19.56
N LEU A 78 14.97 17.35 18.26
CA LEU A 78 16.12 17.40 17.37
C LEU A 78 15.77 18.28 16.18
N VAL A 79 16.64 19.23 15.85
CA VAL A 79 16.46 20.15 14.73
C VAL A 79 17.70 20.05 13.84
N SER A 80 17.51 19.85 12.54
CA SER A 80 18.63 19.63 11.64
C SER A 80 19.70 20.70 11.87
N LYS A 81 20.95 20.25 12.03
CA LYS A 81 22.01 21.22 12.28
C LYS A 81 22.13 22.20 11.11
N GLU A 82 22.14 21.68 9.89
CA GLU A 82 22.16 22.49 8.68
C GLU A 82 20.90 22.24 7.85
N PRO A 83 20.58 23.12 6.90
CA PRO A 83 19.51 22.81 5.96
C PRO A 83 19.69 21.41 5.38
N GLU A 84 18.58 20.70 5.22
CA GLU A 84 18.60 19.39 4.59
C GLU A 84 18.45 19.53 3.09
N VAL A 85 18.87 18.50 2.36
CA VAL A 85 18.79 18.50 0.91
C VAL A 85 17.34 18.31 0.49
N ILE A 86 16.93 19.00 -0.59
CA ILE A 86 15.62 18.83 -1.20
C ILE A 86 15.37 17.35 -1.47
N GLY A 87 14.10 16.95 -1.44
CA GLY A 87 13.75 15.61 -1.88
C GLY A 87 13.27 14.74 -0.74
N PHE A 88 13.40 13.43 -0.96
CA PHE A 88 12.89 12.41 -0.06
C PHE A 88 14.06 11.75 0.69
N HIS A 89 13.84 11.45 1.97
CA HIS A 89 14.87 10.82 2.80
C HIS A 89 14.23 9.79 3.71
N TYR A 90 14.73 8.56 3.66
CA TYR A 90 14.29 7.54 4.60
C TYR A 90 14.80 7.87 5.99
N TYR A 91 13.98 7.64 7.01
CA TYR A 91 14.46 7.73 8.38
C TYR A 91 13.74 6.72 9.25
N GLN A 92 14.33 6.47 10.43
CA GLN A 92 13.73 5.70 11.51
C GLN A 92 13.99 6.46 12.80
N VAL A 93 13.19 6.16 13.84
CA VAL A 93 13.50 6.60 15.20
C VAL A 93 14.21 5.43 15.86
N ILE A 94 15.17 5.75 16.74
CA ILE A 94 16.01 4.74 17.37
C ILE A 94 15.91 4.92 18.88
N ILE A 95 15.22 4.00 19.55
CA ILE A 95 14.98 4.05 20.99
C ILE A 95 15.98 3.12 21.65
N ASP A 96 16.93 3.68 22.40
CA ASP A 96 18.00 2.91 23.04
C ASP A 96 18.57 1.86 22.10
N GLY A 97 18.87 2.29 20.88
CA GLY A 97 19.51 1.44 19.91
C GLY A 97 18.60 0.63 19.02
N VAL A 98 17.29 0.61 19.27
CA VAL A 98 16.35 -0.18 18.46
C VAL A 98 15.73 0.73 17.41
N SER A 99 16.00 0.46 16.15
CA SER A 99 15.49 1.24 15.03
C SER A 99 14.07 0.79 14.67
N ALA A 100 13.14 1.74 14.62
CA ALA A 100 11.76 1.44 14.24
C ALA A 100 11.22 2.57 13.36
N ALA A 101 10.13 2.29 12.67
CA ALA A 101 9.43 3.32 11.92
C ALA A 101 8.79 4.31 12.87
N ASP A 102 8.89 5.59 12.53
CA ASP A 102 8.24 6.65 13.28
C ASP A 102 6.75 6.35 13.48
N PRO A 103 6.26 6.24 14.71
CA PRO A 103 4.81 6.03 14.90
C PRO A 103 3.97 7.14 14.31
N ASN A 104 4.56 8.33 14.09
CA ASN A 104 3.89 9.47 13.47
C ASN A 104 3.88 9.42 11.95
N GLY A 105 4.55 8.46 11.34
CA GLY A 105 4.77 8.53 9.91
C GLY A 105 4.00 7.52 9.09
N LYS A 106 3.83 7.81 7.82
CA LYS A 106 3.34 6.82 6.87
C LYS A 106 4.49 5.90 6.48
N PRO A 107 4.18 4.66 6.10
CA PRO A 107 5.23 3.68 5.83
C PRO A 107 5.79 3.73 4.41
N PHE A 108 7.09 3.50 4.32
CA PHE A 108 7.78 3.32 3.04
C PHE A 108 8.68 2.11 3.16
N PHE A 109 8.73 1.29 2.12
CA PHE A 109 9.63 0.14 2.17
C PHE A 109 10.96 0.54 1.56
N GLY A 110 11.98 0.60 2.39
CA GLY A 110 13.33 0.92 1.98
C GLY A 110 14.26 0.49 3.08
N GLY A 112 15.29 -2.36 3.35
CA GLY A 112 14.98 -3.74 3.63
C GLY A 112 13.83 -4.00 4.58
N LYS A 113 13.10 -2.96 4.98
CA LYS A 113 11.97 -3.12 5.90
C LYS A 113 11.04 -1.93 5.68
N TRP A 114 10.04 -1.77 6.54
CA TRP A 114 9.14 -0.63 6.44
C TRP A 114 9.65 0.49 7.35
N VAL A 115 10.01 1.61 6.75
CA VAL A 115 10.55 2.74 7.48
C VAL A 115 9.72 3.98 7.20
N SER A 116 10.25 5.16 7.52
CA SER A 116 9.54 6.42 7.43
C SER A 116 10.19 7.31 6.39
N GLY A 117 9.56 8.46 6.12
CA GLY A 117 10.08 9.35 5.09
C GLY A 117 9.96 10.83 5.34
N ILE A 118 11.05 11.57 5.17
CA ILE A 118 11.06 13.02 5.24
C ILE A 118 10.97 13.58 3.83
N GLU A 119 10.13 14.60 3.63
CA GLU A 119 10.02 15.25 2.32
C GLU A 119 10.38 16.73 2.47
N ILE A 120 11.42 17.16 1.75
CA ILE A 120 11.88 18.54 1.77
C ILE A 120 11.42 19.19 0.46
N PRO A 121 10.48 20.13 0.50
CA PRO A 121 9.93 20.70 -0.74
C PRO A 121 10.97 21.51 -1.51
N GLU A 122 10.85 21.46 -2.84
CA GLU A 122 11.59 22.29 -3.78
C GLU A 122 10.77 23.51 -4.13
N LYS A 123 11.45 24.55 -4.60
CA LYS A 123 10.76 25.76 -5.05
C LYS A 123 10.50 25.66 -6.56
N GLY A 124 9.32 26.10 -6.96
CA GLY A 124 8.95 26.11 -8.38
C GLY A 124 8.95 24.77 -9.08
N VAL A 125 8.52 23.71 -8.40
CA VAL A 125 8.48 22.38 -9.01
C VAL A 125 7.13 21.74 -8.70
N ASP A 126 6.55 21.09 -9.69
CA ASP A 126 5.30 20.41 -9.41
C ASP A 126 5.08 19.16 -10.25
N TYR A 127 6.08 18.66 -10.97
CA TYR A 127 5.83 17.53 -11.85
C TYR A 127 5.54 16.22 -11.10
N TYR A 128 5.84 16.11 -9.79
CA TYR A 128 5.42 14.96 -9.00
C TYR A 128 4.36 15.32 -7.96
N SER A 129 3.66 16.43 -8.16
CA SER A 129 2.59 16.86 -7.29
C SER A 129 1.23 16.45 -7.87
N ILE A 130 0.21 16.48 -7.01
CA ILE A 130 -1.14 16.19 -7.45
C ILE A 130 -1.71 17.44 -8.10
N LYS A 131 -2.02 17.36 -9.38
CA LYS A 131 -2.56 18.48 -10.12
C LYS A 131 -3.95 18.09 -10.61
N ASN A 132 -4.70 19.10 -11.06
CA ASN A 132 -6.08 18.89 -11.51
C ASN A 132 -6.04 18.41 -12.96
N VAL A 133 -5.50 17.22 -13.14
CA VAL A 133 -5.44 16.54 -14.43
C VAL A 133 -5.99 15.13 -14.24
N PRO A 134 -6.23 14.36 -15.30
CA PRO A 134 -6.72 12.99 -15.11
C PRO A 134 -5.64 12.09 -14.49
N HIS A 135 -6.04 11.27 -13.52
CA HIS A 135 -5.12 10.45 -12.72
C HIS A 135 -5.29 8.98 -13.06
N GLY A 136 -4.19 8.33 -13.47
CA GLY A 136 -4.21 6.92 -13.74
C GLY A 136 -4.39 6.11 -12.46
N LEU A 137 -4.73 4.83 -12.64
CA LEU A 137 -4.87 3.92 -11.52
C LEU A 137 -3.53 3.22 -11.20
N ILE A 138 -3.28 2.99 -9.93
CA ILE A 138 -2.16 2.17 -9.45
C ILE A 138 -2.75 0.89 -8.89
N SER A 139 -2.46 -0.24 -9.53
CA SER A 139 -3.23 -1.45 -9.27
C SER A 139 -2.33 -2.58 -8.78
N GLN A 140 -2.86 -3.34 -7.83
CA GLN A 140 -2.22 -4.55 -7.33
C GLN A 140 -2.70 -5.73 -8.16
N SER A 141 -1.77 -6.47 -8.76
CA SER A 141 -2.08 -7.54 -9.69
C SER A 141 -1.29 -8.78 -9.31
N TRP A 142 -1.99 -9.89 -9.03
CA TRP A 142 -1.39 -11.12 -8.52
C TRP A 142 -1.15 -12.14 -9.63
N TYR A 143 -0.01 -12.83 -9.55
CA TYR A 143 0.32 -13.92 -10.47
C TYR A 143 1.19 -14.94 -9.74
N TYR A 144 1.20 -16.18 -10.24
CA TYR A 144 1.99 -17.26 -9.66
C TYR A 144 3.31 -17.41 -10.39
N SER A 145 4.40 -17.58 -9.64
CA SER A 145 5.72 -17.80 -10.23
C SER A 145 6.12 -19.26 -10.06
N ASP A 146 6.31 -19.96 -11.17
CA ASP A 146 6.87 -21.31 -11.09
C ASP A 146 8.35 -21.28 -10.79
N ILE A 147 9.06 -20.20 -11.15
CA ILE A 147 10.48 -20.15 -10.86
C ILE A 147 10.72 -20.13 -9.35
N ARG A 148 9.92 -19.35 -8.61
CA ARG A 148 10.08 -19.22 -7.17
C ARG A 148 9.00 -19.96 -6.37
N LYS A 149 8.09 -20.66 -7.03
CA LYS A 149 7.07 -21.47 -6.36
C LYS A 149 6.29 -20.64 -5.35
N GLU A 150 5.74 -19.52 -5.81
CA GLU A 150 5.13 -18.55 -4.90
C GLU A 150 4.19 -17.63 -5.66
N TRP A 151 3.18 -17.13 -4.96
CA TRP A 151 2.39 -16.01 -5.43
C TRP A 151 3.16 -14.71 -5.26
N ARG A 152 3.05 -13.84 -6.26
CA ARG A 152 3.72 -12.55 -6.27
C ARG A 152 2.76 -11.47 -6.72
N ARG A 153 2.99 -10.27 -6.21
CA ARG A 153 2.21 -9.09 -6.54
C ARG A 153 3.06 -8.09 -7.30
N CYS A 154 2.59 -7.66 -8.47
CA CYS A 154 3.20 -6.53 -9.15
C CYS A 154 2.28 -5.33 -9.09
N ILE A 155 2.88 -4.15 -9.22
CA ILE A 155 2.17 -2.88 -9.19
C ILE A 155 2.13 -2.35 -10.60
N VAL A 156 0.95 -1.94 -11.05
CA VAL A 156 0.74 -1.56 -12.44
C VAL A 156 0.09 -0.18 -12.48
N TYR A 157 0.70 0.73 -13.20
CA TYR A 157 0.09 2.00 -13.53
C TYR A 157 -0.62 1.86 -14.87
N THR A 158 -1.92 2.16 -14.90
CA THR A 158 -2.58 2.32 -16.17
C THR A 158 -2.89 3.79 -16.39
N PRO A 159 -2.77 4.30 -17.61
CA PRO A 159 -3.04 5.74 -17.83
C PRO A 159 -4.51 6.05 -17.61
N ALA A 160 -4.77 7.33 -17.33
CA ALA A 160 -6.14 7.75 -17.04
C ALA A 160 -7.09 7.43 -18.18
N GLU A 161 -6.61 7.47 -19.42
CA GLU A 161 -7.50 7.21 -20.56
C GLU A 161 -7.78 5.73 -20.78
N TYR A 162 -7.24 4.84 -19.93
CA TYR A 162 -7.21 3.41 -20.27
C TYR A 162 -8.61 2.86 -20.52
N ASP A 163 -9.51 2.99 -19.54
CA ASP A 163 -10.81 2.34 -19.67
C ASP A 163 -11.67 3.01 -20.74
N LYS A 164 -11.48 4.29 -20.97
CA LYS A 164 -12.25 5.03 -21.98
C LYS A 164 -11.75 4.78 -23.41
N ASN A 165 -10.77 3.90 -23.62
CA ASN A 165 -10.27 3.56 -24.95
C ASN A 165 -10.24 2.04 -25.09
N PRO A 166 -11.42 1.41 -25.12
CA PRO A 166 -11.48 -0.06 -24.98
C PRO A 166 -10.73 -0.83 -26.05
N THR A 167 -10.58 -0.32 -27.27
CA THR A 167 -9.91 -1.09 -28.31
C THR A 167 -8.42 -0.81 -28.40
N LYS A 168 -7.88 0.08 -27.57
CA LYS A 168 -6.52 0.53 -27.70
C LYS A 168 -5.58 -0.40 -26.95
N LYS A 169 -4.40 -0.63 -27.52
CA LYS A 169 -3.32 -1.32 -26.83
C LYS A 169 -2.20 -0.33 -26.52
N TYR A 170 -1.54 -0.53 -25.37
CA TYR A 170 -0.55 0.41 -24.88
C TYR A 170 0.84 -0.20 -24.87
N PRO A 171 1.89 0.62 -24.98
CA PRO A 171 3.24 0.15 -24.72
C PRO A 171 3.47 0.05 -23.22
N VAL A 172 4.53 -0.69 -22.85
CA VAL A 172 4.79 -1.02 -21.45
C VAL A 172 6.22 -0.64 -21.11
N LEU A 173 6.37 0.03 -19.96
CA LEU A 173 7.65 0.28 -19.32
C LEU A 173 7.73 -0.60 -18.06
N TYR A 174 8.76 -1.41 -17.95
CA TYR A 174 9.02 -2.17 -16.72
C TYR A 174 10.03 -1.38 -15.90
N LEU A 175 9.66 -1.04 -14.67
CA LEU A 175 10.39 -0.08 -13.84
C LEU A 175 10.77 -0.72 -12.51
N GLN A 176 12.07 -0.76 -12.21
CA GLN A 176 12.57 -1.55 -11.10
C GLN A 176 13.26 -0.68 -10.04
N HIS A 177 13.20 -1.18 -8.80
CA HIS A 177 13.73 -0.54 -7.62
C HIS A 177 15.16 -1.01 -7.40
N GLY A 178 15.81 -0.47 -6.37
CA GLY A 178 17.13 -0.91 -5.98
C GLY A 178 17.10 -1.81 -4.75
N GLY A 180 17.08 -3.13 -1.02
CA GLY A 180 16.35 -2.70 0.15
C GLY A 180 14.97 -2.14 -0.14
N GLU A 181 14.56 -2.15 -1.40
CA GLU A 181 13.24 -1.70 -1.83
C GLU A 181 12.45 -2.90 -2.36
N ASN A 182 11.19 -2.65 -2.72
CA ASN A 182 10.37 -3.71 -3.27
C ASN A 182 9.37 -3.11 -4.25
N GLU A 183 8.37 -3.91 -4.62
CA GLU A 183 7.49 -3.55 -5.72
C GLU A 183 6.68 -2.29 -5.42
N THR A 184 6.54 -1.92 -4.15
CA THR A 184 5.76 -0.74 -3.79
C THR A 184 6.53 0.58 -3.81
N SER A 185 7.85 0.57 -4.02
CA SER A 185 8.64 1.78 -3.72
C SER A 185 8.46 2.87 -4.78
N TRP A 186 8.43 2.48 -6.06
CA TRP A 186 8.30 3.47 -7.14
C TRP A 186 7.00 4.25 -7.04
N ALA A 187 5.89 3.57 -6.73
CA ALA A 187 4.62 4.28 -6.65
C ALA A 187 4.44 4.98 -5.32
N ASN A 188 5.25 4.64 -4.32
CA ASN A 188 5.06 5.24 -3.01
C ASN A 188 6.04 6.39 -2.86
N GLN A 189 7.27 6.13 -2.41
CA GLN A 189 8.23 7.23 -2.32
C GLN A 189 8.63 7.75 -3.70
N GLY A 190 8.48 6.94 -4.75
CA GLY A 190 8.80 7.40 -6.08
C GLY A 190 7.78 8.36 -6.68
N LYS A 191 6.57 8.43 -6.11
CA LYS A 191 5.53 9.32 -6.63
C LYS A 191 5.33 9.13 -8.14
N ASN A 193 3.25 7.77 -10.07
CA ASN A 193 1.96 7.90 -10.73
C ASN A 193 1.62 9.36 -11.00
N PHE A 194 2.00 10.29 -10.11
CA PHE A 194 1.78 11.70 -10.42
C PHE A 194 2.75 12.21 -11.49
N ILE A 195 3.98 11.67 -11.50
CA ILE A 195 4.91 11.96 -12.59
C ILE A 195 4.31 11.52 -13.92
N ASP A 197 1.11 10.91 -14.57
CA ASP A 197 -0.11 11.68 -14.82
C ASP A 197 0.21 13.02 -15.45
N ASN A 198 1.13 13.76 -14.85
CA ASN A 198 1.45 15.09 -15.35
C ASN A 198 2.14 15.03 -16.72
N LEU A 199 3.13 14.14 -16.87
CA LEU A 199 3.78 14.03 -18.17
C LEU A 199 2.76 13.74 -19.26
N ILE A 200 1.79 12.86 -18.99
CA ILE A 200 0.83 12.49 -20.03
C ILE A 200 -0.15 13.63 -20.29
N ALA A 201 -0.65 14.25 -19.22
CA ALA A 201 -1.59 15.37 -19.39
C ALA A 201 -0.97 16.48 -20.24
N GLU A 202 0.31 16.79 -20.02
CA GLU A 202 0.98 17.88 -20.72
C GLU A 202 1.50 17.48 -22.11
N GLY A 203 1.15 16.30 -22.62
CA GLY A 203 1.63 15.89 -23.92
C GLY A 203 3.11 15.57 -24.01
N LYS A 204 3.79 15.38 -22.89
CA LYS A 204 5.22 15.13 -22.94
C LYS A 204 5.57 13.65 -23.06
N ALA A 205 4.72 12.74 -22.59
CA ALA A 205 5.00 11.32 -22.71
C ALA A 205 3.79 10.59 -23.25
N LYS A 206 4.05 9.52 -23.99
CA LYS A 206 2.97 8.75 -24.59
C LYS A 206 2.19 7.99 -23.51
N PRO A 207 0.85 7.94 -23.60
CA PRO A 207 0.10 7.09 -22.66
C PRO A 207 0.67 5.69 -22.68
N ILE A 209 1.49 1.90 -20.11
CA ILE A 209 1.39 1.09 -18.92
C ILE A 209 2.78 0.95 -18.30
N VAL A 210 2.85 1.00 -16.97
CA VAL A 210 4.11 0.84 -16.25
C VAL A 210 3.94 -0.32 -15.27
N VAL A 211 4.89 -1.24 -15.25
CA VAL A 211 4.81 -2.42 -14.40
C VAL A 211 5.99 -2.41 -13.44
N ASP A 213 7.70 -4.49 -10.31
CA ASP A 213 7.73 -5.80 -9.66
C ASP A 213 8.86 -5.83 -8.62
N ASN A 214 9.09 -7.01 -8.03
CA ASN A 214 9.99 -7.17 -6.89
C ASN A 214 11.26 -7.87 -7.36
N GLY A 215 12.38 -7.16 -7.29
CA GLY A 215 13.66 -7.76 -7.64
C GLY A 215 14.13 -8.85 -6.68
N ASN A 216 13.49 -8.98 -5.51
CA ASN A 216 13.96 -9.94 -4.51
C ASN A 216 15.37 -9.59 -4.07
N ILE A 217 15.58 -8.33 -3.73
CA ILE A 217 16.87 -7.82 -3.30
C ILE A 217 16.64 -6.96 -2.06
N GLU A 218 15.71 -7.38 -1.21
CA GLU A 218 15.42 -6.62 0.00
C GLU A 218 16.62 -6.57 0.95
N VAL A 219 17.26 -7.71 1.18
CA VAL A 219 18.36 -7.82 2.14
C VAL A 219 19.49 -8.61 1.48
N PHE A 220 20.69 -8.02 1.47
CA PHE A 220 21.86 -8.68 0.88
C PHE A 220 22.57 -9.52 1.93
N LYS A 221 22.71 -10.82 1.67
CA LYS A 221 23.36 -11.76 2.58
C LYS A 221 24.41 -12.57 1.83
N THR A 222 25.54 -12.79 2.48
CA THR A 222 26.57 -13.70 1.99
C THR A 222 26.49 -15.00 2.79
N ASN A 223 26.31 -16.11 2.11
CA ASN A 223 26.34 -17.42 2.76
C ASN A 223 27.77 -17.85 3.06
N SER A 224 27.91 -18.72 4.08
CA SER A 224 29.22 -19.01 4.66
C SER A 224 30.23 -19.56 3.65
N GLY A 225 29.78 -20.33 2.67
CA GLY A 225 30.78 -20.76 1.70
C GLY A 225 31.13 -19.77 0.59
N GLU A 226 30.56 -18.57 0.59
CA GLU A 226 30.56 -17.69 -0.57
C GLU A 226 31.62 -16.60 -0.49
N THR A 227 32.25 -16.33 -1.64
CA THR A 227 33.00 -15.09 -1.78
C THR A 227 32.04 -13.93 -2.03
N PRO A 228 32.49 -12.70 -1.80
CA PRO A 228 31.61 -11.56 -2.09
C PRO A 228 31.16 -11.52 -3.53
N GLU A 229 32.03 -11.91 -4.47
CA GLU A 229 31.62 -12.02 -5.85
C GLU A 229 30.50 -13.06 -6.01
N ASP A 230 30.64 -14.21 -5.35
CA ASP A 230 29.59 -15.22 -5.44
C ASP A 230 28.24 -14.66 -5.03
N ALA A 231 28.21 -13.85 -3.97
CA ALA A 231 26.93 -13.40 -3.43
C ALA A 231 26.31 -12.33 -4.31
N ARG A 232 27.12 -11.38 -4.79
CA ARG A 232 26.60 -10.39 -5.73
C ARG A 232 26.03 -11.06 -6.98
N LYS A 233 26.70 -12.10 -7.50
CA LYS A 233 26.20 -12.77 -8.70
C LYS A 233 24.84 -13.42 -8.45
N ARG A 234 24.57 -13.83 -7.21
CA ARG A 234 23.29 -14.42 -6.86
C ARG A 234 22.20 -13.38 -6.64
N PHE A 235 22.57 -12.13 -6.36
CA PHE A 235 21.65 -11.15 -5.77
C PHE A 235 20.65 -10.69 -6.84
N GLY A 236 19.41 -11.14 -6.71
CA GLY A 236 18.39 -10.90 -7.71
C GLY A 236 18.64 -11.59 -9.03
N ALA A 237 19.43 -12.68 -9.04
CA ALA A 237 19.84 -13.28 -10.30
C ALA A 237 18.68 -13.90 -11.07
N GLU A 238 17.60 -14.28 -10.39
CA GLU A 238 16.47 -14.90 -11.09
C GLU A 238 15.54 -13.91 -11.74
N PHE A 239 15.70 -12.61 -11.46
CA PHE A 239 14.70 -11.66 -11.94
C PHE A 239 14.59 -11.61 -13.46
N PRO A 240 15.68 -11.56 -14.23
CA PRO A 240 15.54 -11.59 -15.70
C PRO A 240 14.61 -12.70 -16.19
N ALA A 241 14.80 -13.94 -15.74
CA ALA A 241 13.92 -15.02 -16.16
C ALA A 241 12.50 -14.81 -15.63
N ILE A 242 12.35 -14.30 -14.41
CA ILE A 242 11.01 -14.07 -13.88
C ILE A 242 10.29 -13.02 -14.72
N LEU A 243 10.99 -11.96 -15.11
CA LEU A 243 10.38 -10.90 -15.89
C LEU A 243 9.99 -11.39 -17.28
N VAL A 244 10.93 -12.03 -17.99
CA VAL A 244 10.68 -12.39 -19.38
C VAL A 244 9.72 -13.59 -19.46
N ASN A 245 9.78 -14.50 -18.50
CA ASN A 245 9.02 -15.74 -18.59
C ASN A 245 7.74 -15.73 -17.77
N GLU A 246 7.57 -14.80 -16.85
CA GLU A 246 6.37 -14.85 -16.02
C GLU A 246 5.68 -13.49 -15.90
N ILE A 247 6.42 -12.40 -15.82
CA ILE A 247 5.78 -11.11 -15.64
C ILE A 247 5.20 -10.62 -16.97
N ILE A 248 6.00 -10.64 -18.04
CA ILE A 248 5.49 -10.24 -19.34
C ILE A 248 4.27 -11.06 -19.76
N PRO A 249 4.29 -12.41 -19.68
CA PRO A 249 3.07 -13.15 -20.04
C PRO A 249 1.88 -12.80 -19.18
N HIS A 250 2.07 -12.63 -17.87
CA HIS A 250 0.96 -12.23 -17.03
C HIS A 250 0.41 -10.87 -17.46
N ILE A 251 1.31 -9.91 -17.72
CA ILE A 251 0.86 -8.57 -18.04
C ILE A 251 0.10 -8.56 -19.37
N GLU A 252 0.66 -9.20 -20.41
CA GLU A 252 0.03 -9.22 -21.72
C GLU A 252 -1.30 -9.96 -21.72
N SER A 253 -1.48 -10.92 -20.81
CA SER A 253 -2.72 -11.66 -20.68
C SER A 253 -3.82 -10.87 -20.01
N ASN A 254 -3.48 -9.86 -19.22
CA ASN A 254 -4.48 -9.20 -18.39
C ASN A 254 -4.57 -7.71 -18.62
N PHE A 255 -3.80 -7.16 -19.54
CA PHE A 255 -3.90 -5.75 -19.88
C PHE A 255 -3.75 -5.62 -21.40
N ARG A 256 -4.28 -4.52 -21.93
CA ARG A 256 -4.24 -4.30 -23.37
C ARG A 256 -2.89 -3.68 -23.71
N THR A 257 -1.97 -4.51 -24.18
CA THR A 257 -0.61 -4.10 -24.41
C THR A 257 -0.21 -4.43 -25.84
N LEU A 258 0.62 -3.56 -26.42
CA LEU A 258 1.44 -3.92 -27.57
C LEU A 258 2.56 -4.86 -27.13
N THR A 259 2.94 -5.78 -28.01
CA THR A 259 3.85 -6.86 -27.61
C THR A 259 5.13 -6.92 -28.43
N ASP A 260 5.34 -5.99 -29.34
CA ASP A 260 6.57 -5.96 -30.12
C ASP A 260 7.64 -5.14 -29.40
N ARG A 261 8.89 -5.38 -29.77
CA ARG A 261 10.01 -4.80 -29.05
C ARG A 261 9.99 -3.28 -29.08
N ASP A 262 9.48 -2.66 -30.15
CA ASP A 262 9.46 -1.20 -30.18
C ASP A 262 8.54 -0.61 -29.13
N ASN A 263 7.72 -1.44 -28.48
CA ASN A 263 6.79 -0.97 -27.47
C ASN A 263 7.07 -1.57 -26.09
N ARG A 264 8.30 -2.00 -25.84
CA ARG A 264 8.66 -2.54 -24.53
C ARG A 264 9.93 -1.86 -24.05
N ALA A 265 9.87 -1.21 -22.89
CA ALA A 265 11.01 -0.51 -22.33
C ALA A 265 11.32 -1.03 -20.92
N ALA A 267 13.75 0.16 -17.22
CA ALA A 267 14.65 1.01 -16.46
C ALA A 267 14.72 0.51 -15.02
N GLY A 268 15.88 0.69 -14.41
CA GLY A 268 16.08 0.29 -13.02
C GLY A 268 17.03 1.24 -12.34
N LEU A 269 16.79 1.47 -11.04
CA LEU A 269 17.64 2.31 -10.22
C LEU A 269 18.56 1.42 -9.37
N SER A 270 19.78 1.90 -9.15
CA SER A 270 20.79 1.26 -8.28
C SER A 270 20.97 -0.19 -8.73
N TRP A 271 20.86 -1.17 -7.82
CA TRP A 271 21.05 -2.56 -8.25
C TRP A 271 20.01 -2.96 -9.28
N GLY A 272 18.85 -2.30 -9.27
CA GLY A 272 17.87 -2.53 -10.31
C GLY A 272 18.36 -2.11 -11.68
N GLY A 273 19.34 -1.20 -11.73
CA GLY A 273 19.94 -0.85 -13.00
C GLY A 273 20.75 -1.98 -13.57
N LEU A 274 21.34 -2.80 -12.70
CA LEU A 274 22.10 -3.96 -13.13
C LEU A 274 21.17 -5.06 -13.59
N LEU A 275 20.07 -5.28 -12.87
CA LEU A 275 19.06 -6.23 -13.36
C LEU A 275 18.55 -5.82 -14.74
N THR A 276 18.37 -4.52 -14.94
CA THR A 276 17.93 -4.01 -16.24
C THR A 276 18.95 -4.27 -17.32
N PHE A 277 20.22 -4.00 -17.04
CA PHE A 277 21.25 -4.30 -18.04
C PHE A 277 21.24 -5.79 -18.39
N ASN A 278 21.14 -6.66 -17.38
CA ASN A 278 21.23 -8.09 -17.67
C ASN A 278 19.98 -8.61 -18.35
N THR A 279 18.81 -8.05 -18.02
CA THR A 279 17.59 -8.48 -18.69
C THR A 279 17.58 -8.01 -20.15
N THR A 280 17.80 -6.71 -20.37
CA THR A 280 17.56 -6.16 -21.70
C THR A 280 18.66 -6.51 -22.68
N LEU A 281 19.93 -6.45 -22.26
CA LEU A 281 21.02 -6.68 -23.19
C LEU A 281 21.17 -8.15 -23.56
N ASN A 282 20.60 -9.06 -22.77
CA ASN A 282 20.51 -10.46 -23.17
C ASN A 282 19.20 -10.81 -23.83
N ASN A 283 18.32 -9.82 -24.03
CA ASN A 283 17.01 -10.05 -24.65
C ASN A 283 16.64 -8.85 -25.52
N LEU A 284 17.57 -8.41 -26.37
CA LEU A 284 17.33 -7.27 -27.25
C LEU A 284 16.17 -7.51 -28.20
N ASP A 285 15.82 -8.77 -28.48
CA ASP A 285 14.66 -9.00 -29.31
C ASP A 285 13.36 -8.65 -28.59
N LYS A 286 13.43 -8.37 -27.28
CA LYS A 286 12.26 -8.00 -26.50
C LYS A 286 12.29 -6.58 -25.95
N PHE A 287 13.43 -5.90 -25.94
CA PHE A 287 13.53 -4.54 -25.41
C PHE A 287 14.25 -3.63 -26.39
N ALA A 288 13.73 -2.42 -26.54
CA ALA A 288 14.35 -1.44 -27.40
C ALA A 288 14.67 -0.15 -26.67
N TYR A 289 14.42 -0.09 -25.35
CA TYR A 289 14.76 1.06 -24.54
C TYR A 289 15.33 0.56 -23.24
N ILE A 290 16.41 1.19 -22.79
CA ILE A 290 17.15 0.74 -21.62
C ILE A 290 17.47 1.96 -20.78
N GLY A 291 17.14 1.89 -19.49
CA GLY A 291 17.44 3.00 -18.62
C GLY A 291 18.15 2.59 -17.35
N GLY A 292 19.32 3.16 -17.09
CA GLY A 292 19.94 2.98 -15.78
C GLY A 292 19.90 4.28 -14.99
N PHE A 293 19.31 4.24 -13.81
CA PHE A 293 19.22 5.40 -12.92
C PHE A 293 20.17 5.16 -11.75
N SER A 294 21.29 5.89 -11.70
CA SER A 294 22.34 5.57 -10.72
C SER A 294 22.57 4.06 -10.68
N GLY A 295 22.71 3.50 -11.88
CA GLY A 295 22.70 2.06 -12.01
C GLY A 295 23.97 1.43 -11.49
N ALA A 296 23.85 0.18 -11.04
CA ALA A 296 25.03 -0.59 -10.71
C ALA A 296 25.54 -1.38 -11.90
N GLY A 297 24.80 -1.37 -13.01
CA GLY A 297 25.30 -2.02 -14.20
C GLY A 297 26.54 -1.33 -14.72
N SER A 298 27.48 -2.13 -15.22
CA SER A 298 28.71 -1.60 -15.77
C SER A 298 28.95 -2.20 -17.16
N ILE A 299 29.71 -1.48 -17.97
CA ILE A 299 30.13 -1.91 -19.30
C ILE A 299 31.62 -1.72 -19.40
N ASP A 300 32.35 -2.82 -19.62
CA ASP A 300 33.80 -2.77 -19.73
C ASP A 300 34.14 -2.24 -21.12
N LEU A 301 34.50 -0.96 -21.21
CA LEU A 301 34.80 -0.37 -22.50
C LEU A 301 35.97 -1.07 -23.18
N LYS A 302 36.95 -1.52 -22.39
CA LYS A 302 38.08 -2.26 -22.96
C LYS A 302 37.63 -3.55 -23.66
N GLN A 303 36.37 -3.98 -23.50
CA GLN A 303 35.91 -5.21 -24.14
C GLN A 303 34.59 -4.99 -24.87
N LEU A 304 34.37 -3.77 -25.38
CA LEU A 304 33.04 -3.43 -25.88
C LEU A 304 32.55 -4.45 -26.87
N ASP A 305 33.44 -4.99 -27.71
CA ASP A 305 33.01 -5.84 -28.81
C ASP A 305 32.56 -7.22 -28.37
N THR A 306 32.86 -7.64 -27.15
CA THR A 306 32.47 -8.99 -26.73
C THR A 306 31.52 -9.02 -25.54
N VAL A 307 31.55 -8.02 -24.67
CA VAL A 307 30.65 -7.96 -23.53
C VAL A 307 29.22 -8.25 -24.00
N TYR A 308 28.43 -8.88 -23.13
CA TYR A 308 27.03 -9.14 -23.42
C TYR A 308 26.87 -9.88 -24.74
N GLY A 309 27.76 -10.84 -24.97
CA GLY A 309 27.64 -11.66 -26.16
C GLY A 309 27.90 -10.93 -27.47
N GLY A 310 28.56 -9.77 -27.42
CA GLY A 310 28.92 -9.02 -28.62
C GLY A 310 27.84 -8.16 -29.23
N VAL A 311 26.78 -7.83 -28.48
CA VAL A 311 25.69 -7.05 -29.06
C VAL A 311 26.12 -5.63 -29.38
N PHE A 312 27.20 -5.13 -28.78
CA PHE A 312 27.70 -3.79 -29.06
C PHE A 312 28.66 -3.73 -30.25
N LYS A 313 29.10 -4.89 -30.76
CA LYS A 313 30.17 -4.89 -31.76
C LYS A 313 29.78 -4.11 -33.00
N ASN A 314 28.63 -4.43 -33.58
CA ASN A 314 28.15 -3.73 -34.76
C ASN A 314 27.41 -2.50 -34.30
N ARG A 315 28.07 -1.34 -34.41
CA ARG A 315 27.55 -0.11 -33.81
C ARG A 315 26.20 0.27 -34.40
N LYS A 316 26.10 0.31 -35.74
CA LYS A 316 24.84 0.69 -36.35
C LYS A 316 23.72 -0.27 -35.92
N ALA A 317 23.98 -1.58 -35.93
CA ALA A 317 22.93 -2.53 -35.58
C ALA A 317 22.44 -2.31 -34.16
N PHE A 318 23.36 -2.05 -33.23
CA PHE A 318 22.93 -1.74 -31.87
C PHE A 318 22.19 -0.40 -31.81
N ASN A 319 22.76 0.66 -32.40
CA ASN A 319 22.10 1.96 -32.35
C ASN A 319 20.72 1.91 -33.01
N ASP A 320 20.58 1.09 -34.07
CA ASP A 320 19.30 0.94 -34.76
C ASP A 320 18.28 0.15 -33.92
N LYS A 321 18.74 -0.84 -33.13
CA LYS A 321 17.87 -1.70 -32.32
C LYS A 321 17.45 -1.03 -31.01
N VAL A 322 18.33 -0.27 -30.39
CA VAL A 322 18.07 0.33 -29.08
C VAL A 322 17.87 1.82 -29.31
N HIS A 323 16.63 2.28 -29.18
CA HIS A 323 16.31 3.65 -29.54
C HIS A 323 16.70 4.64 -28.46
N VAL A 324 16.68 4.23 -27.20
CA VAL A 324 17.10 5.06 -26.07
C VAL A 324 17.96 4.21 -25.16
N PHE A 325 19.16 4.68 -24.88
CA PHE A 325 20.09 4.06 -23.94
C PHE A 325 20.43 5.17 -22.95
N PHE A 326 19.78 5.18 -21.80
CA PHE A 326 19.73 6.33 -20.89
C PHE A 326 20.52 6.03 -19.62
N LEU A 327 21.42 6.96 -19.25
CA LEU A 327 22.28 6.81 -18.09
C LEU A 327 22.14 8.05 -17.20
N GLY A 328 21.50 7.91 -16.04
CA GLY A 328 21.23 9.02 -15.13
C GLY A 328 22.01 8.87 -13.84
N ILE A 329 22.29 10.01 -13.19
CA ILE A 329 23.14 10.04 -12.01
C ILE A 329 22.95 11.38 -11.31
N GLY A 330 23.01 11.36 -9.99
CA GLY A 330 23.01 12.61 -9.23
C GLY A 330 24.40 13.24 -9.18
N SER A 331 24.43 14.57 -9.22
CA SER A 331 25.71 15.28 -9.22
C SER A 331 26.45 15.11 -7.90
N GLU A 332 25.76 14.72 -6.83
CA GLU A 332 26.40 14.57 -5.53
C GLU A 332 26.69 13.11 -5.18
N GLU A 333 26.57 12.21 -6.15
CA GLU A 333 26.96 10.81 -5.97
C GLU A 333 27.97 10.38 -7.03
N HIS A 334 29.05 11.15 -7.20
CA HIS A 334 30.17 10.77 -8.06
C HIS A 334 29.73 10.60 -9.51
N PRO A 335 29.24 11.66 -10.16
CA PRO A 335 28.73 11.48 -11.52
C PRO A 335 29.81 11.11 -12.52
N GLU A 336 31.09 11.38 -12.23
CA GLU A 336 32.14 11.20 -13.24
C GLU A 336 32.23 9.77 -13.75
N ARG A 337 31.93 8.78 -12.91
CA ARG A 337 31.98 7.40 -13.39
C ARG A 337 30.94 7.17 -14.47
N THR A 338 29.71 7.67 -14.26
CA THR A 338 28.65 7.47 -15.24
C THR A 338 28.89 8.37 -16.46
N LYS A 339 29.36 9.60 -16.25
CA LYS A 339 29.71 10.48 -17.37
C LYS A 339 30.86 9.91 -18.19
N ASN A 340 31.84 9.27 -17.52
CA ASN A 340 32.97 8.66 -18.24
C ASN A 340 32.50 7.48 -19.08
N LEU A 341 31.59 6.68 -18.54
CA LEU A 341 31.01 5.57 -19.30
C LEU A 341 30.27 6.08 -20.53
N SER A 342 29.39 7.07 -20.35
CA SER A 342 28.65 7.64 -21.46
C SER A 342 29.59 8.23 -22.53
N ASP A 343 30.48 9.15 -22.14
CA ASP A 343 31.45 9.69 -23.08
C ASP A 343 32.26 8.59 -23.76
N GLY A 344 32.61 7.54 -23.01
CA GLY A 344 33.36 6.45 -23.62
C GLY A 344 32.54 5.70 -24.65
N LEU A 345 31.28 5.39 -24.32
CA LEU A 345 30.44 4.72 -25.30
C LEU A 345 30.29 5.58 -26.56
N GLN A 346 29.99 6.86 -26.38
CA GLN A 346 29.80 7.73 -27.53
C GLN A 346 31.07 7.80 -28.37
N ALA A 347 32.24 7.86 -27.74
CA ALA A 347 33.47 7.94 -28.50
C ALA A 347 33.71 6.66 -29.31
N ALA A 348 33.17 5.53 -28.86
CA ALA A 348 33.29 4.29 -29.60
C ALA A 348 32.15 4.09 -30.60
N GLY A 349 31.14 4.97 -30.60
CA GLY A 349 30.06 4.90 -31.57
C GLY A 349 28.74 4.34 -31.07
N ILE A 350 28.56 4.17 -29.76
CA ILE A 350 27.30 3.73 -29.19
C ILE A 350 26.55 4.96 -28.69
N ASN A 351 25.32 5.18 -29.19
CA ASN A 351 24.52 6.31 -28.74
C ASN A 351 24.09 6.15 -27.28
N THR A 352 24.10 7.26 -26.54
CA THR A 352 23.59 7.30 -25.18
C THR A 352 22.91 8.64 -24.94
N ILE A 353 22.01 8.65 -23.96
CA ILE A 353 21.47 9.85 -23.35
C ILE A 353 22.03 9.89 -21.94
N TYR A 354 22.74 10.98 -21.61
CA TYR A 354 23.30 11.19 -20.28
C TYR A 354 22.52 12.26 -19.56
N TYR A 355 22.12 11.98 -18.33
CA TYR A 355 21.39 12.95 -17.53
C TYR A 355 21.99 13.03 -16.13
N GLU A 356 22.23 14.24 -15.66
CA GLU A 356 22.83 14.46 -14.35
C GLU A 356 21.87 15.31 -13.52
N SER A 357 21.53 14.83 -12.32
CA SER A 357 20.54 15.49 -11.50
C SER A 357 21.26 16.46 -10.56
N PRO A 358 21.09 17.77 -10.72
CA PRO A 358 21.90 18.71 -9.93
C PRO A 358 21.45 18.78 -8.48
N GLY A 359 22.41 18.59 -7.56
CA GLY A 359 22.16 18.74 -6.14
C GLY A 359 21.76 17.49 -5.38
N THR A 360 21.56 16.35 -6.04
CA THR A 360 21.01 15.19 -5.36
C THR A 360 21.97 14.02 -5.46
N ALA A 361 21.77 13.03 -4.60
CA ALA A 361 22.69 11.89 -4.59
C ALA A 361 21.93 10.58 -4.74
N HIS A 362 22.27 9.59 -3.93
CA HIS A 362 21.68 8.26 -4.10
C HIS A 362 20.37 8.14 -3.31
N GLU A 363 19.40 8.97 -3.71
CA GLU A 363 18.12 9.08 -3.03
C GLU A 363 17.02 9.31 -4.06
N PHE A 364 15.77 9.17 -3.61
CA PHE A 364 14.71 9.00 -4.60
C PHE A 364 14.45 10.25 -5.44
N LEU A 365 14.77 11.46 -4.97
CA LEU A 365 14.57 12.61 -5.85
C LEU A 365 15.36 12.46 -7.15
N THR A 366 16.55 11.85 -7.08
CA THR A 366 17.34 11.63 -8.28
C THR A 366 16.61 10.76 -9.29
N TRP A 367 15.86 9.77 -8.78
CA TRP A 367 15.17 8.83 -9.63
C TRP A 367 13.80 9.35 -10.07
N ARG A 368 13.16 10.20 -9.27
CA ARG A 368 11.99 10.92 -9.77
C ARG A 368 12.36 11.77 -10.97
N ARG A 369 13.47 12.51 -10.85
CA ARG A 369 13.96 13.30 -11.98
C ARG A 369 14.36 12.42 -13.15
N CYS A 370 14.98 11.26 -12.88
CA CYS A 370 15.34 10.35 -13.97
C CYS A 370 14.11 9.85 -14.72
N LEU A 371 13.04 9.53 -14.01
CA LEU A 371 11.82 9.08 -14.69
C LEU A 371 11.22 10.21 -15.53
N LYS A 372 11.19 11.43 -14.98
CA LYS A 372 10.66 12.59 -15.70
C LYS A 372 11.46 12.87 -16.98
N GLU A 373 12.75 12.56 -16.98
CA GLU A 373 13.60 12.75 -18.15
C GLU A 373 13.51 11.60 -19.14
N PHE A 374 13.23 10.39 -18.66
CA PHE A 374 13.32 9.18 -19.47
C PHE A 374 12.00 8.85 -20.16
N ALA A 375 10.90 8.94 -19.41
CA ALA A 375 9.62 8.52 -19.96
C ALA A 375 9.25 9.27 -21.23
N PRO A 376 9.53 10.58 -21.34
CA PRO A 376 9.20 11.29 -22.59
C PRO A 376 9.93 10.78 -23.80
N LEU A 377 11.00 10.02 -23.64
CA LEU A 377 11.77 9.57 -24.79
C LEU A 377 11.23 8.28 -25.39
N LEU A 378 10.27 7.64 -24.73
CA LEU A 378 9.87 6.27 -25.07
C LEU A 378 8.81 6.25 -26.18
N PHE A 379 8.90 5.22 -27.03
CA PHE A 379 7.84 4.81 -27.97
C PHE A 379 7.56 5.89 -29.02
N LYS A 380 8.63 6.44 -29.59
CA LYS A 380 8.50 7.51 -30.58
C LYS A 380 9.48 7.37 -31.73
N PHE B 23 14.63 -23.04 15.33
CA PHE B 23 13.27 -22.59 15.67
C PHE B 23 12.49 -23.61 16.50
N PRO B 24 11.72 -23.14 17.49
CA PRO B 24 10.91 -24.07 18.29
C PRO B 24 10.12 -25.02 17.40
N ALA B 25 9.88 -26.22 17.91
CA ALA B 25 9.13 -27.21 17.16
C ALA B 25 7.73 -26.70 16.87
N GLY B 26 7.24 -27.03 15.68
CA GLY B 26 5.85 -26.77 15.33
C GLY B 26 5.49 -25.31 15.24
N THR B 27 6.46 -24.44 14.95
CA THR B 27 6.20 -23.04 14.71
C THR B 27 6.52 -22.67 13.27
N THR B 28 5.80 -21.70 12.74
CA THR B 28 6.04 -21.16 11.41
C THR B 28 6.05 -19.65 11.48
N PRO B 29 6.76 -19.00 10.56
CA PRO B 29 6.82 -17.53 10.60
C PRO B 29 5.44 -16.94 10.37
N ASN B 30 5.12 -15.91 11.15
CA ASN B 30 3.86 -15.21 11.02
C ASN B 30 3.67 -14.71 9.61
N GLU B 31 2.45 -14.83 9.10
CA GLU B 31 2.18 -14.46 7.71
C GLU B 31 2.57 -13.01 7.40
N HIS B 32 2.49 -12.10 8.37
CA HIS B 32 2.65 -10.69 8.05
C HIS B 32 4.05 -10.18 8.33
N ASN B 33 5.02 -11.07 8.49
CA ASN B 33 6.42 -10.69 8.52
C ASN B 33 6.90 -10.19 7.15
N ILE B 34 7.85 -9.25 7.17
CA ILE B 34 8.59 -8.93 5.96
C ILE B 34 9.45 -10.13 5.55
N ASN B 35 9.86 -10.16 4.29
CA ASN B 35 10.74 -11.21 3.81
C ASN B 35 12.06 -11.19 4.58
N GLY B 36 12.55 -12.39 4.91
CA GLY B 36 13.74 -12.51 5.73
C GLY B 36 13.51 -12.48 7.24
N ALA B 37 12.32 -12.08 7.71
CA ALA B 37 12.04 -12.08 9.15
C ALA B 37 11.60 -13.47 9.59
N ASP B 38 12.37 -14.09 10.48
CA ASP B 38 12.02 -15.41 10.96
C ASP B 38 11.12 -15.37 12.20
N TYR B 39 11.11 -14.27 12.94
CA TYR B 39 10.17 -14.02 14.01
C TYR B 39 9.39 -12.74 13.72
N PRO B 40 8.21 -12.58 14.33
CA PRO B 40 7.61 -13.55 15.26
C PRO B 40 7.12 -14.84 14.56
N ARG B 41 6.86 -15.90 15.33
CA ARG B 41 6.38 -17.15 14.77
C ARG B 41 5.12 -17.60 15.50
N ILE B 42 4.38 -18.50 14.86
CA ILE B 42 3.10 -18.99 15.35
C ILE B 42 3.20 -20.51 15.50
N GLY B 43 2.90 -21.00 16.70
CA GLY B 43 2.91 -22.42 16.94
C GLY B 43 1.59 -23.10 16.59
N GLU B 44 1.67 -24.42 16.40
CA GLU B 44 0.46 -25.20 16.15
C GLU B 44 -0.53 -25.10 17.31
N ASP B 45 -0.06 -24.76 18.50
CA ASP B 45 -0.94 -24.56 19.64
C ASP B 45 -1.47 -23.13 19.72
N ARG B 46 -1.14 -22.28 18.75
CA ARG B 46 -1.65 -20.92 18.63
C ARG B 46 -1.02 -19.96 19.64
N ARG B 47 0.11 -20.34 20.22
CA ARG B 47 0.94 -19.41 20.97
C ARG B 47 1.86 -18.67 20.01
N VAL B 48 2.08 -17.40 20.29
CA VAL B 48 2.91 -16.55 19.45
C VAL B 48 4.29 -16.41 20.08
N HIS B 49 5.33 -16.52 19.25
CA HIS B 49 6.73 -16.50 19.68
C HIS B 49 7.41 -15.24 19.16
N PHE B 50 7.71 -14.32 20.08
CA PHE B 50 8.38 -13.06 19.74
C PHE B 50 9.86 -13.14 20.10
N ARG B 51 10.70 -12.57 19.24
CA ARG B 51 12.13 -12.47 19.49
C ARG B 51 12.62 -11.13 18.96
N ILE B 52 13.26 -10.34 19.82
CA ILE B 52 13.68 -8.99 19.49
C ILE B 52 15.14 -8.82 19.90
N HIS B 53 15.95 -8.21 19.03
CA HIS B 53 17.33 -7.89 19.36
C HIS B 53 17.36 -6.47 19.89
N ALA B 54 17.67 -6.33 21.19
CA ALA B 54 17.67 -5.02 21.83
C ALA B 54 18.71 -5.01 22.95
N PRO B 55 20.00 -5.12 22.60
CA PRO B 55 21.04 -5.24 23.63
C PRO B 55 21.07 -4.11 24.64
N ASN B 56 20.65 -2.90 24.26
CA ASN B 56 20.84 -1.73 25.11
C ASN B 56 19.54 -1.18 25.66
N ALA B 57 18.49 -1.98 25.67
CA ALA B 57 17.20 -1.52 26.17
C ALA B 57 16.99 -1.99 27.59
N GLN B 58 16.40 -1.13 28.42
CA GLN B 58 16.07 -1.53 29.77
C GLN B 58 14.86 -2.45 29.80
N LYS B 59 13.90 -2.22 28.91
CA LYS B 59 12.61 -2.89 28.99
C LYS B 59 12.00 -3.00 27.60
N VAL B 60 11.52 -4.19 27.27
CA VAL B 60 10.84 -4.45 26.01
C VAL B 60 9.52 -5.14 26.29
N GLU B 61 8.44 -4.62 25.72
CA GLU B 61 7.12 -5.22 25.83
C GLU B 61 6.54 -5.51 24.45
N ILE B 62 5.53 -6.37 24.44
CA ILE B 62 4.61 -6.52 23.32
C ILE B 62 3.24 -6.06 23.80
N SER B 63 2.59 -5.22 23.00
CA SER B 63 1.30 -4.66 23.41
C SER B 63 0.30 -5.76 23.75
N PHE B 64 -0.35 -5.61 24.89
CA PHE B 64 -1.40 -6.51 25.36
C PHE B 64 -0.86 -7.85 25.83
N ARG B 65 0.46 -7.98 26.00
CA ARG B 65 1.03 -9.23 26.48
C ARG B 65 2.12 -9.05 27.53
N GLY B 66 2.36 -7.82 28.00
CA GLY B 66 3.33 -7.64 29.07
C GLY B 66 4.79 -7.67 28.62
N GLU B 67 5.66 -7.75 29.61
CA GLU B 67 7.11 -7.67 29.38
C GLU B 67 7.66 -8.96 28.80
N THR B 69 11.12 -11.51 28.22
CA THR B 69 12.18 -12.05 29.05
C THR B 69 13.55 -11.72 28.45
N LYS B 70 14.45 -11.21 29.28
CA LYS B 70 15.81 -10.98 28.84
C LYS B 70 16.48 -12.31 28.52
N GLU B 71 17.03 -12.43 27.32
CA GLU B 71 17.71 -13.62 26.86
C GLU B 71 19.20 -13.33 26.67
N ALA B 72 19.96 -14.36 26.35
CA ALA B 72 21.37 -14.19 26.07
C ALA B 72 21.54 -13.58 24.69
N ASP B 73 22.66 -12.85 24.50
CA ASP B 73 22.96 -12.15 23.27
C ASP B 73 22.24 -10.80 23.19
N GLY B 74 21.77 -10.29 24.32
CA GLY B 74 20.95 -9.08 24.28
C GLY B 74 19.68 -9.23 23.47
N TYR B 75 19.14 -10.44 23.38
CA TYR B 75 17.83 -10.70 22.79
C TYR B 75 16.77 -10.68 23.88
N TRP B 76 15.52 -10.46 23.45
CA TRP B 76 14.36 -10.62 24.30
C TRP B 76 13.40 -11.59 23.63
N SER B 77 12.70 -12.36 24.44
CA SER B 77 11.76 -13.34 23.92
C SER B 77 10.45 -13.24 24.69
N LEU B 78 9.38 -13.67 24.04
CA LEU B 78 8.08 -13.75 24.67
C LEU B 78 7.27 -14.83 23.97
N VAL B 79 6.67 -15.72 24.76
CA VAL B 79 5.73 -16.71 24.27
C VAL B 79 4.40 -16.45 24.96
N SER B 80 3.32 -16.46 24.18
CA SER B 80 1.97 -16.29 24.73
C SER B 80 1.77 -17.25 25.90
N LYS B 81 1.24 -16.74 27.01
CA LYS B 81 0.87 -17.62 28.11
C LYS B 81 -0.10 -18.69 27.63
N GLU B 82 -1.27 -18.27 27.19
CA GLU B 82 -2.30 -19.18 26.70
C GLU B 82 -2.41 -19.13 25.18
N PRO B 83 -2.99 -20.16 24.58
CA PRO B 83 -3.27 -20.09 23.14
C PRO B 83 -4.02 -18.81 22.81
N GLU B 84 -3.72 -18.25 21.65
CA GLU B 84 -4.36 -17.02 21.21
C GLU B 84 -5.52 -17.34 20.28
N VAL B 85 -6.42 -16.36 20.14
CA VAL B 85 -7.64 -16.56 19.36
C VAL B 85 -7.33 -16.60 17.87
N ILE B 86 -8.14 -17.35 17.13
CA ILE B 86 -8.01 -17.40 15.68
C ILE B 86 -8.20 -16.00 15.10
N GLY B 87 -7.54 -15.75 13.97
CA GLY B 87 -7.73 -14.51 13.27
C GLY B 87 -6.61 -13.50 13.40
N PHE B 88 -6.94 -12.22 13.25
CA PHE B 88 -5.99 -11.13 13.07
C PHE B 88 -5.98 -10.25 14.31
N HIS B 89 -4.79 -9.87 14.78
CA HIS B 89 -4.62 -9.06 15.99
C HIS B 89 -3.57 -7.99 15.75
N TYR B 90 -3.94 -6.73 15.99
CA TYR B 90 -2.96 -5.64 15.91
C TYR B 90 -1.93 -5.82 17.01
N TYR B 91 -0.70 -5.35 16.76
CA TYR B 91 0.22 -5.23 17.88
C TYR B 91 1.29 -4.17 17.59
N GLN B 92 1.93 -3.72 18.66
CA GLN B 92 3.16 -2.97 18.57
C GLN B 92 4.19 -3.59 19.52
N VAL B 93 5.48 -3.33 19.21
CA VAL B 93 6.55 -3.56 20.15
C VAL B 93 6.77 -2.27 20.91
N ILE B 94 7.10 -2.39 22.18
CA ILE B 94 7.28 -1.25 23.06
C ILE B 94 8.71 -1.29 23.59
N ILE B 95 9.51 -0.29 23.22
CA ILE B 95 10.90 -0.21 23.63
C ILE B 95 10.98 0.86 24.70
N ASP B 96 11.26 0.45 25.92
CA ASP B 96 11.36 1.37 27.04
C ASP B 96 10.18 2.34 27.03
N GLY B 97 8.99 1.78 26.83
CA GLY B 97 7.78 2.57 26.91
C GLY B 97 7.36 3.29 25.65
N VAL B 98 8.15 3.25 24.59
CA VAL B 98 7.81 3.89 23.32
C VAL B 98 7.21 2.84 22.39
N SER B 99 5.94 3.00 22.02
CA SER B 99 5.27 2.03 21.16
C SER B 99 5.63 2.29 19.70
N ALA B 100 5.86 1.22 18.96
CA ALA B 100 6.23 1.36 17.56
C ALA B 100 5.85 0.08 16.84
N ALA B 101 5.84 0.17 15.51
CA ALA B 101 5.56 -1.00 14.69
C ALA B 101 6.73 -1.97 14.77
N ASP B 102 6.41 -3.25 14.67
CA ASP B 102 7.46 -4.25 14.65
C ASP B 102 8.30 -4.10 13.39
N PRO B 103 9.60 -3.82 13.49
CA PRO B 103 10.41 -3.71 12.26
C PRO B 103 10.47 -4.99 11.46
N ASN B 104 10.03 -6.13 12.00
CA ASN B 104 9.93 -7.36 11.25
C ASN B 104 8.59 -7.52 10.53
N GLY B 105 7.68 -6.58 10.70
CA GLY B 105 6.30 -6.77 10.27
C GLY B 105 5.91 -5.86 9.13
N LYS B 106 5.03 -6.35 8.29
CA LYS B 106 4.34 -5.49 7.34
C LYS B 106 3.42 -4.53 8.08
N PRO B 107 3.15 -3.38 7.49
CA PRO B 107 2.30 -2.39 8.16
C PRO B 107 0.82 -2.64 7.88
N PHE B 108 0.00 -2.35 8.90
CA PHE B 108 -1.45 -2.30 8.83
C PHE B 108 -1.91 -1.04 9.55
N PHE B 109 -2.85 -0.29 8.95
CA PHE B 109 -3.33 0.93 9.60
C PHE B 109 -4.47 0.56 10.53
N GLY B 110 -4.25 0.74 11.82
CA GLY B 110 -5.19 0.36 12.86
C GLY B 110 -4.81 1.06 14.15
N GLY B 112 -5.34 4.03 14.80
CA GLY B 112 -4.97 5.40 14.47
C GLY B 112 -3.56 5.62 13.94
N LYS B 113 -2.81 4.56 13.70
CA LYS B 113 -1.47 4.71 13.15
C LYS B 113 -1.14 3.43 12.39
N TRP B 114 0.08 3.34 11.88
CA TRP B 114 0.55 2.15 11.19
C TRP B 114 1.21 1.23 12.20
N VAL B 115 0.57 0.08 12.46
CA VAL B 115 1.03 -0.88 13.45
C VAL B 115 1.31 -2.22 12.77
N SER B 116 1.38 -3.29 13.55
CA SER B 116 1.72 -4.60 13.03
C SER B 116 0.56 -5.58 13.25
N GLY B 117 0.66 -6.74 12.64
CA GLY B 117 -0.42 -7.71 12.73
C GLY B 117 0.03 -9.15 12.93
N ILE B 118 -0.62 -9.84 13.86
CA ILE B 118 -0.48 -11.28 14.04
C ILE B 118 -1.65 -11.97 13.38
N GLU B 119 -1.38 -13.05 12.65
CA GLU B 119 -2.41 -13.85 11.98
C GLU B 119 -2.34 -15.26 12.56
N ILE B 120 -3.38 -15.65 13.31
CA ILE B 120 -3.50 -17.01 13.85
C ILE B 120 -4.34 -17.82 12.87
N PRO B 121 -3.79 -18.85 12.22
CA PRO B 121 -4.54 -19.60 11.21
C PRO B 121 -5.70 -20.39 11.82
N GLU B 122 -6.71 -20.66 10.99
CA GLU B 122 -7.82 -21.56 11.30
C GLU B 122 -7.61 -22.88 10.59
N LYS B 123 -8.21 -23.93 11.13
CA LYS B 123 -8.18 -25.25 10.49
C LYS B 123 -9.30 -25.36 9.47
N GLY B 124 -8.97 -25.85 8.28
CA GLY B 124 -9.99 -26.16 7.30
C GLY B 124 -10.73 -24.96 6.74
N VAL B 125 -10.09 -23.80 6.67
CA VAL B 125 -10.73 -22.59 6.16
C VAL B 125 -9.81 -22.00 5.10
N ASP B 126 -10.38 -21.52 3.99
CA ASP B 126 -9.53 -20.95 2.95
C ASP B 126 -10.19 -19.83 2.15
N TYR B 127 -11.36 -19.33 2.54
CA TYR B 127 -12.04 -18.34 1.70
C TYR B 127 -11.34 -16.98 1.67
N TYR B 128 -10.53 -16.65 2.68
CA TYR B 128 -9.73 -15.43 2.59
C TYR B 128 -8.28 -15.70 2.20
N SER B 129 -7.99 -16.89 1.67
CA SER B 129 -6.67 -17.23 1.20
C SER B 129 -6.55 -16.99 -0.30
N ILE B 130 -5.32 -16.94 -0.79
CA ILE B 130 -5.06 -16.82 -2.21
C ILE B 130 -5.11 -18.22 -2.81
N LYS B 131 -5.97 -18.42 -3.80
CA LYS B 131 -6.15 -19.72 -4.44
C LYS B 131 -5.90 -19.59 -5.93
N ASN B 132 -5.88 -20.72 -6.62
CA ASN B 132 -5.65 -20.72 -8.06
C ASN B 132 -6.98 -20.40 -8.76
N VAL B 133 -7.39 -19.14 -8.62
CA VAL B 133 -8.58 -18.59 -9.28
C VAL B 133 -8.25 -17.22 -9.86
N PRO B 134 -9.06 -16.68 -10.76
CA PRO B 134 -8.80 -15.32 -11.26
C PRO B 134 -8.86 -14.31 -10.13
N HIS B 135 -7.98 -13.32 -10.18
CA HIS B 135 -7.84 -12.33 -9.12
C HIS B 135 -8.14 -10.93 -9.63
N GLY B 136 -9.01 -10.23 -8.93
CA GLY B 136 -9.32 -8.88 -9.30
C GLY B 136 -8.23 -7.92 -8.88
N LEU B 137 -8.23 -6.74 -9.52
CA LEU B 137 -7.30 -5.68 -9.19
C LEU B 137 -7.77 -4.95 -7.94
N ILE B 138 -6.82 -4.50 -7.13
CA ILE B 138 -7.05 -3.53 -6.07
C ILE B 138 -6.39 -2.23 -6.53
N SER B 139 -7.19 -1.19 -6.79
CA SER B 139 -6.70 0.00 -7.45
C SER B 139 -6.85 1.25 -6.58
N GLN B 140 -5.90 2.17 -6.75
CA GLN B 140 -5.92 3.44 -6.04
C GLN B 140 -6.42 4.52 -6.97
N SER B 141 -7.41 5.28 -6.52
CA SER B 141 -8.07 6.25 -7.39
C SER B 141 -8.23 7.57 -6.63
N TRP B 142 -7.82 8.67 -7.26
CA TRP B 142 -7.76 9.99 -6.64
C TRP B 142 -8.88 10.90 -7.14
N TYR B 143 -9.47 11.66 -6.22
CA TYR B 143 -10.50 12.64 -6.56
C TYR B 143 -10.39 13.80 -5.59
N TYR B 144 -10.87 14.97 -6.01
CA TYR B 144 -10.86 16.14 -5.15
C TYR B 144 -12.21 16.32 -4.46
N SER B 145 -12.16 16.62 -3.16
CA SER B 145 -13.34 16.83 -2.33
C SER B 145 -13.49 18.31 -2.00
N ASP B 146 -14.56 18.92 -2.51
CA ASP B 146 -14.84 20.30 -2.13
C ASP B 146 -15.22 20.41 -0.66
N ILE B 147 -15.89 19.38 -0.12
CA ILE B 147 -16.42 19.46 1.23
C ILE B 147 -15.31 19.53 2.25
N ARG B 148 -14.18 18.86 1.98
CA ARG B 148 -13.04 18.88 2.88
C ARG B 148 -11.85 19.64 2.31
N LYS B 149 -11.96 20.19 1.09
CA LYS B 149 -10.91 20.96 0.44
C LYS B 149 -9.57 20.21 0.48
N GLU B 150 -9.54 19.05 -0.16
CA GLU B 150 -8.37 18.17 -0.12
C GLU B 150 -8.51 17.10 -1.19
N TRP B 151 -7.38 16.65 -1.70
CA TRP B 151 -7.37 15.45 -2.53
C TRP B 151 -7.49 14.23 -1.64
N ARG B 152 -8.18 13.20 -2.12
CA ARG B 152 -8.46 11.99 -1.36
C ARG B 152 -8.24 10.78 -2.25
N ARG B 153 -7.80 9.68 -1.64
CA ARG B 153 -7.60 8.43 -2.33
C ARG B 153 -8.66 7.45 -1.89
N CYS B 154 -9.22 6.70 -2.85
CA CYS B 154 -10.06 5.57 -2.50
C CYS B 154 -9.45 4.30 -3.09
N ILE B 155 -9.75 3.19 -2.44
CA ILE B 155 -9.34 1.86 -2.87
C ILE B 155 -10.52 1.18 -3.53
N VAL B 156 -10.28 0.55 -4.68
CA VAL B 156 -11.34 0.01 -5.51
C VAL B 156 -10.97 -1.40 -5.94
N TYR B 157 -11.80 -2.37 -5.61
CA TYR B 157 -11.71 -3.71 -6.16
C TYR B 157 -12.50 -3.76 -7.46
N THR B 158 -11.83 -4.15 -8.56
CA THR B 158 -12.59 -4.54 -9.74
C THR B 158 -12.49 -6.05 -9.92
N PRO B 159 -13.55 -6.71 -10.36
CA PRO B 159 -13.51 -8.18 -10.46
C PRO B 159 -12.56 -8.62 -11.56
N ALA B 160 -12.14 -9.88 -11.46
CA ALA B 160 -11.16 -10.42 -12.40
C ALA B 160 -11.64 -10.28 -13.83
N GLU B 161 -12.94 -10.44 -14.09
CA GLU B 161 -13.47 -10.36 -15.45
C GLU B 161 -13.61 -8.93 -15.97
N TYR B 162 -13.30 -7.92 -15.17
CA TYR B 162 -13.61 -6.52 -15.51
C TYR B 162 -13.17 -6.14 -16.92
N ASP B 163 -11.88 -6.32 -17.22
CA ASP B 163 -11.38 -5.84 -18.51
C ASP B 163 -11.56 -6.85 -19.64
N LYS B 164 -11.89 -8.11 -19.33
CA LYS B 164 -12.27 -9.07 -20.35
C LYS B 164 -13.70 -8.87 -20.84
N ASN B 165 -14.45 -7.95 -20.24
CA ASN B 165 -15.82 -7.64 -20.63
C ASN B 165 -15.95 -6.13 -20.75
N PRO B 166 -15.35 -5.55 -21.79
CA PRO B 166 -15.18 -4.08 -21.85
C PRO B 166 -16.47 -3.27 -21.87
N THR B 167 -17.61 -3.83 -22.25
CA THR B 167 -18.86 -3.07 -22.25
C THR B 167 -19.80 -3.44 -21.11
N LYS B 168 -19.42 -4.36 -20.24
CA LYS B 168 -20.25 -4.70 -19.10
C LYS B 168 -20.17 -3.62 -18.04
N LYS B 169 -21.27 -3.40 -17.33
CA LYS B 169 -21.27 -2.50 -16.18
C LYS B 169 -21.58 -3.30 -14.92
N TYR B 170 -21.06 -2.83 -13.78
CA TYR B 170 -21.07 -3.63 -12.57
C TYR B 170 -21.81 -2.93 -11.44
N PRO B 171 -22.51 -3.70 -10.59
CA PRO B 171 -23.03 -3.13 -9.34
C PRO B 171 -21.89 -2.79 -8.40
N VAL B 172 -22.17 -1.92 -7.44
CA VAL B 172 -21.15 -1.36 -6.57
C VAL B 172 -21.53 -1.55 -5.12
N LEU B 173 -20.55 -1.99 -4.32
CA LEU B 173 -20.67 -2.03 -2.87
C LEU B 173 -19.68 -1.03 -2.27
N TYR B 174 -20.18 -0.13 -1.44
CA TYR B 174 -19.36 0.81 -0.69
C TYR B 174 -19.12 0.20 0.69
N LEU B 175 -17.84 0.01 1.04
CA LEU B 175 -17.46 -0.79 2.20
C LEU B 175 -16.58 0.03 3.13
N GLN B 176 -17.02 0.21 4.38
CA GLN B 176 -16.38 1.18 5.27
C GLN B 176 -15.76 0.52 6.50
N HIS B 177 -14.66 1.14 6.95
CA HIS B 177 -13.86 0.71 8.10
C HIS B 177 -14.41 1.31 9.39
N GLY B 178 -13.77 0.95 10.51
CA GLY B 178 -14.16 1.46 11.81
C GLY B 178 -13.22 2.56 12.29
N GLY B 180 -10.19 4.38 13.97
CA GLY B 180 -8.80 4.03 14.03
C GLY B 180 -8.27 3.38 12.78
N GLU B 181 -9.11 3.19 11.77
CA GLU B 181 -8.70 2.57 10.52
C GLU B 181 -8.82 3.61 9.38
N ASN B 182 -8.52 3.21 8.16
CA ASN B 182 -8.70 4.12 7.02
C ASN B 182 -8.99 3.29 5.77
N GLU B 183 -8.92 3.95 4.61
CA GLU B 183 -9.37 3.35 3.37
C GLU B 183 -8.56 2.13 2.98
N THR B 184 -7.37 1.91 3.58
CA THR B 184 -6.60 0.73 3.26
C THR B 184 -6.95 -0.49 4.12
N SER B 185 -7.62 -0.30 5.25
CA SER B 185 -7.76 -1.40 6.22
C SER B 185 -8.50 -2.60 5.64
N TRP B 186 -9.56 -2.35 4.84
CA TRP B 186 -10.38 -3.46 4.36
C TRP B 186 -9.63 -4.37 3.39
N ALA B 187 -8.77 -3.80 2.54
CA ALA B 187 -8.04 -4.60 1.56
C ALA B 187 -6.75 -5.20 2.10
N ASN B 188 -6.29 -4.78 3.28
CA ASN B 188 -5.08 -5.36 3.86
C ASN B 188 -5.41 -6.37 4.93
N GLN B 189 -5.57 -5.90 6.17
CA GLN B 189 -5.96 -6.82 7.23
C GLN B 189 -7.33 -7.45 6.98
N GLY B 190 -8.18 -6.81 6.17
CA GLY B 190 -9.48 -7.41 5.88
C GLY B 190 -9.46 -8.45 4.78
N LYS B 191 -8.39 -8.51 3.99
CA LYS B 191 -8.22 -9.53 2.96
C LYS B 191 -9.41 -9.60 2.00
N ASN B 193 -10.04 -8.60 -0.95
CA ASN B 193 -9.89 -8.91 -2.36
C ASN B 193 -9.87 -10.42 -2.59
N PHE B 194 -9.36 -11.19 -1.64
CA PHE B 194 -9.37 -12.63 -1.85
C PHE B 194 -10.72 -13.24 -1.47
N ILE B 195 -11.39 -12.66 -0.47
CA ILE B 195 -12.75 -13.04 -0.16
C ILE B 195 -13.63 -12.88 -1.40
N ASP B 197 -12.58 -12.55 -4.63
CA ASP B 197 -12.13 -13.45 -5.69
C ASP B 197 -12.73 -14.84 -5.52
N ASN B 198 -12.64 -15.38 -4.30
CA ASN B 198 -13.13 -16.73 -4.06
C ASN B 198 -14.66 -16.80 -4.16
N LEU B 199 -15.36 -15.81 -3.61
CA LEU B 199 -16.81 -15.84 -3.70
C LEU B 199 -17.26 -15.77 -5.16
N ILE B 200 -16.66 -14.85 -5.93
CA ILE B 200 -17.02 -14.69 -7.33
C ILE B 200 -16.68 -15.95 -8.13
N ALA B 201 -15.50 -16.52 -7.90
CA ALA B 201 -15.08 -17.69 -8.66
C ALA B 201 -15.98 -18.89 -8.38
N GLU B 202 -16.42 -19.05 -7.14
CA GLU B 202 -17.30 -20.16 -6.78
C GLU B 202 -18.76 -19.88 -7.12
N GLY B 203 -19.10 -18.72 -7.66
CA GLY B 203 -20.47 -18.44 -8.03
C GLY B 203 -21.37 -18.07 -6.88
N LYS B 204 -20.80 -17.70 -5.75
CA LYS B 204 -21.60 -17.34 -4.59
C LYS B 204 -21.92 -15.85 -4.49
N ALA B 205 -21.11 -14.98 -5.10
CA ALA B 205 -21.46 -13.57 -5.24
C ALA B 205 -21.35 -13.16 -6.69
N LYS B 206 -22.16 -12.16 -7.06
CA LYS B 206 -22.09 -11.58 -8.40
C LYS B 206 -20.78 -10.80 -8.56
N PRO B 207 -20.17 -10.85 -9.74
CA PRO B 207 -19.07 -9.91 -10.03
C PRO B 207 -19.52 -8.49 -9.71
N ILE B 209 -18.04 -4.36 -8.12
CA ILE B 209 -17.02 -3.41 -7.76
C ILE B 209 -17.22 -3.01 -6.31
N VAL B 210 -16.14 -2.96 -5.55
CA VAL B 210 -16.22 -2.57 -4.15
C VAL B 210 -15.36 -1.34 -3.96
N VAL B 211 -15.90 -0.37 -3.23
CA VAL B 211 -15.25 0.92 -3.05
C VAL B 211 -15.03 1.15 -1.58
N ASP B 213 -13.40 3.84 1.12
CA ASP B 213 -12.91 5.19 1.29
C ASP B 213 -12.56 5.42 2.76
N ASN B 214 -12.22 6.67 3.09
CA ASN B 214 -11.75 7.05 4.41
C ASN B 214 -12.86 7.77 5.19
N GLY B 215 -13.33 7.15 6.27
CA GLY B 215 -14.32 7.80 7.10
C GLY B 215 -13.85 8.99 7.89
N ASN B 216 -12.55 9.30 7.86
CA ASN B 216 -11.97 10.40 8.65
C ASN B 216 -12.28 10.21 10.14
N ILE B 217 -12.04 9.00 10.64
CA ILE B 217 -12.29 8.65 12.03
C ILE B 217 -11.06 7.95 12.59
N GLU B 218 -9.87 8.42 12.22
CA GLU B 218 -8.63 7.82 12.69
C GLU B 218 -8.43 8.02 14.18
N VAL B 219 -8.76 9.21 14.70
CA VAL B 219 -8.48 9.54 16.10
C VAL B 219 -9.65 10.34 16.67
N PHE B 220 -10.21 9.85 17.78
CA PHE B 220 -11.30 10.55 18.46
C PHE B 220 -10.73 11.48 19.52
N LYS B 221 -10.98 12.78 19.39
CA LYS B 221 -10.50 13.78 20.33
C LYS B 221 -11.43 14.98 20.34
N THR B 222 -11.64 15.55 21.52
CA THR B 222 -12.64 16.60 21.74
C THR B 222 -12.05 17.99 21.50
N ASN B 223 -12.84 19.01 21.78
CA ASN B 223 -12.43 20.40 21.57
C ASN B 223 -12.02 21.07 22.89
N PRO B 228 -17.98 17.14 24.66
CA PRO B 228 -18.25 15.83 25.28
C PRO B 228 -18.75 14.79 24.27
N GLU B 229 -20.04 14.45 24.40
CA GLU B 229 -20.77 13.72 23.36
C GLU B 229 -21.10 14.60 22.15
N ASP B 230 -20.88 15.91 22.25
CA ASP B 230 -20.92 16.76 21.07
C ASP B 230 -19.83 16.38 20.07
N ALA B 231 -18.70 15.86 20.56
CA ALA B 231 -17.67 15.38 19.64
C ALA B 231 -18.14 14.14 18.91
N ARG B 232 -18.94 13.29 19.55
CA ARG B 232 -19.46 12.10 18.88
C ARG B 232 -20.39 12.48 17.73
N LYS B 233 -21.16 13.55 17.88
CA LYS B 233 -22.02 14.00 16.79
C LYS B 233 -21.21 14.44 15.57
N ARG B 234 -20.03 15.02 15.80
CA ARG B 234 -19.17 15.51 14.74
C ARG B 234 -18.34 14.41 14.06
N PHE B 235 -18.14 13.27 14.74
CA PHE B 235 -17.12 12.28 14.37
C PHE B 235 -17.50 11.55 13.08
N GLY B 236 -16.81 11.85 11.99
CA GLY B 236 -17.18 11.27 10.72
C GLY B 236 -18.45 11.84 10.10
N ALA B 237 -18.98 12.94 10.64
CA ALA B 237 -20.31 13.39 10.23
C ALA B 237 -20.39 13.78 8.76
N GLU B 238 -19.28 14.24 8.17
CA GLU B 238 -19.30 14.65 6.77
C GLU B 238 -19.27 13.47 5.78
N PHE B 239 -19.03 12.25 6.24
CA PHE B 239 -18.83 11.17 5.30
C PHE B 239 -20.08 10.85 4.48
N PRO B 240 -21.29 10.95 5.03
CA PRO B 240 -22.45 10.68 4.17
C PRO B 240 -22.54 11.64 2.99
N ALA B 241 -22.30 12.94 3.24
CA ALA B 241 -22.29 13.89 2.15
C ALA B 241 -21.12 13.64 1.19
N ILE B 242 -19.95 13.30 1.73
CA ILE B 242 -18.78 13.03 0.88
C ILE B 242 -19.05 11.84 -0.05
N LEU B 243 -19.58 10.76 0.51
CA LEU B 243 -19.89 9.57 -0.28
C LEU B 243 -20.93 9.88 -1.36
N VAL B 244 -22.04 10.50 -0.97
CA VAL B 244 -23.15 10.66 -1.91
C VAL B 244 -22.84 11.76 -2.93
N ASN B 245 -22.14 12.82 -2.52
CA ASN B 245 -21.94 13.96 -3.41
C ASN B 245 -20.59 13.96 -4.11
N GLU B 246 -19.61 13.18 -3.64
CA GLU B 246 -18.28 13.27 -4.21
C GLU B 246 -17.76 11.90 -4.62
N ILE B 247 -17.80 10.91 -3.71
CA ILE B 247 -17.27 9.59 -4.06
C ILE B 247 -18.07 8.96 -5.19
N ILE B 248 -19.40 8.89 -5.04
CA ILE B 248 -20.21 8.16 -6.03
C ILE B 248 -20.10 8.77 -7.42
N PRO B 249 -20.24 10.09 -7.61
CA PRO B 249 -19.99 10.65 -8.95
C PRO B 249 -18.59 10.38 -9.47
N HIS B 250 -17.57 10.33 -8.59
CA HIS B 250 -16.22 9.99 -9.05
C HIS B 250 -16.11 8.54 -9.50
N ILE B 251 -16.68 7.62 -8.72
CA ILE B 251 -16.63 6.21 -9.10
C ILE B 251 -17.37 5.99 -10.42
N GLU B 252 -18.55 6.60 -10.54
CA GLU B 252 -19.37 6.38 -11.72
C GLU B 252 -18.83 7.05 -12.99
N SER B 253 -18.05 8.13 -12.87
CA SER B 253 -17.37 8.67 -14.04
C SER B 253 -16.19 7.80 -14.47
N ASN B 254 -15.65 6.97 -13.59
CA ASN B 254 -14.36 6.35 -13.87
C ASN B 254 -14.37 4.85 -13.86
N PHE B 255 -15.48 4.22 -13.47
CA PHE B 255 -15.58 2.78 -13.52
C PHE B 255 -16.90 2.42 -14.16
N ARG B 256 -16.91 1.33 -14.92
CA ARG B 256 -18.12 0.90 -15.62
C ARG B 256 -19.12 0.31 -14.62
N THR B 257 -20.11 1.11 -14.24
CA THR B 257 -20.96 0.80 -13.11
C THR B 257 -22.43 0.97 -13.47
N LEU B 258 -23.26 0.12 -12.85
CA LEU B 258 -24.70 0.32 -12.85
C LEU B 258 -25.05 1.30 -11.74
N THR B 259 -25.91 2.27 -12.02
CA THR B 259 -26.05 3.41 -11.12
C THR B 259 -27.45 3.62 -10.55
N ASP B 260 -28.35 2.65 -10.75
CA ASP B 260 -29.66 2.67 -10.10
C ASP B 260 -29.55 2.02 -8.71
N ARG B 261 -30.51 2.38 -7.84
CA ARG B 261 -30.40 2.05 -6.42
C ARG B 261 -30.33 0.54 -6.18
N ASP B 262 -30.97 -0.26 -7.03
CA ASP B 262 -30.92 -1.72 -6.87
C ASP B 262 -29.51 -2.29 -7.14
N ASN B 263 -28.58 -1.47 -7.60
CA ASN B 263 -27.21 -1.93 -7.83
C ASN B 263 -26.22 -1.17 -6.97
N ARG B 264 -26.66 -0.67 -5.83
CA ARG B 264 -25.77 0.05 -4.93
C ARG B 264 -25.99 -0.44 -3.52
N ALA B 265 -24.92 -0.85 -2.85
CA ALA B 265 -25.02 -1.33 -1.48
C ALA B 265 -24.02 -0.61 -0.59
N ALA B 267 -22.01 -1.22 3.40
CA ALA B 267 -21.79 -1.88 4.69
C ALA B 267 -20.59 -1.24 5.38
N GLY B 268 -20.59 -1.30 6.70
CA GLY B 268 -19.52 -0.73 7.47
C GLY B 268 -19.35 -1.46 8.78
N LEU B 269 -18.12 -1.48 9.30
CA LEU B 269 -17.83 -2.12 10.57
C LEU B 269 -17.66 -1.06 11.66
N SER B 270 -18.16 -1.39 12.85
CA SER B 270 -18.00 -0.59 14.07
C SER B 270 -18.57 0.80 13.83
N TRP B 271 -17.81 1.87 14.00
CA TRP B 271 -18.34 3.20 13.76
C TRP B 271 -18.71 3.40 12.30
N GLY B 272 -18.05 2.70 11.38
CA GLY B 272 -18.49 2.68 10.00
C GLY B 272 -19.91 2.17 9.84
N GLY B 273 -20.35 1.29 10.73
CA GLY B 273 -21.73 0.85 10.70
C GLY B 273 -22.70 1.97 11.03
N LEU B 274 -22.34 2.81 12.01
CA LEU B 274 -23.13 4.02 12.25
C LEU B 274 -23.16 4.91 11.01
N LEU B 275 -21.99 5.12 10.39
CA LEU B 275 -21.94 5.93 9.18
C LEU B 275 -22.83 5.33 8.09
N THR B 276 -22.86 3.99 8.01
CA THR B 276 -23.68 3.32 7.01
C THR B 276 -25.17 3.54 7.28
N PHE B 277 -25.59 3.43 8.55
CA PHE B 277 -26.99 3.70 8.89
C PHE B 277 -27.37 5.11 8.48
N ASN B 278 -26.55 6.10 8.88
CA ASN B 278 -26.91 7.48 8.61
C ASN B 278 -26.89 7.79 7.11
N THR B 279 -25.95 7.20 6.37
CA THR B 279 -25.92 7.41 4.92
C THR B 279 -27.13 6.77 4.25
N THR B 280 -27.30 5.46 4.41
CA THR B 280 -28.29 4.73 3.63
C THR B 280 -29.72 5.11 4.01
N LEU B 281 -30.02 5.22 5.31
CA LEU B 281 -31.40 5.43 5.73
C LEU B 281 -31.89 6.83 5.43
N ASN B 282 -30.98 7.80 5.29
CA ASN B 282 -31.33 9.14 4.86
C ASN B 282 -31.18 9.31 3.35
N ASN B 283 -30.93 8.23 2.62
CA ASN B 283 -30.73 8.27 1.18
C ASN B 283 -31.20 6.96 0.58
N LEU B 284 -32.40 6.51 1.00
CA LEU B 284 -32.94 5.25 0.53
C LEU B 284 -33.21 5.26 -0.96
N ASP B 285 -33.33 6.44 -1.58
CA ASP B 285 -33.45 6.47 -3.03
C ASP B 285 -32.15 6.12 -3.73
N LYS B 286 -31.06 5.95 -2.98
CA LYS B 286 -29.76 5.62 -3.56
C LYS B 286 -29.20 4.26 -3.15
N PHE B 287 -29.69 3.67 -2.05
CA PHE B 287 -29.17 2.40 -1.57
C PHE B 287 -30.30 1.42 -1.28
N ALA B 288 -30.10 0.17 -1.67
CA ALA B 288 -31.08 -0.89 -1.45
C ALA B 288 -30.52 -2.07 -0.66
N TYR B 289 -29.30 -1.99 -0.16
CA TYR B 289 -28.71 -3.01 0.70
C TYR B 289 -27.90 -2.30 1.78
N ILE B 290 -28.06 -2.74 3.02
CA ILE B 290 -27.45 -2.10 4.18
C ILE B 290 -26.82 -3.17 5.06
N GLY B 291 -25.56 -2.96 5.45
CA GLY B 291 -24.90 -3.88 6.34
C GLY B 291 -24.23 -3.22 7.52
N GLY B 292 -24.48 -3.72 8.73
CA GLY B 292 -23.70 -3.32 9.88
C GLY B 292 -22.88 -4.49 10.42
N PHE B 293 -21.55 -4.40 10.32
CA PHE B 293 -20.64 -5.40 10.87
C PHE B 293 -20.18 -4.91 12.25
N SER B 294 -20.67 -5.54 13.32
CA SER B 294 -20.43 -5.06 14.68
C SER B 294 -20.66 -3.55 14.77
N GLY B 295 -21.78 -3.11 14.19
CA GLY B 295 -21.98 -1.69 13.99
C GLY B 295 -22.38 -0.95 15.26
N ALA B 296 -21.93 0.30 15.35
CA ALA B 296 -22.39 1.22 16.38
C ALA B 296 -23.75 1.85 16.05
N GLY B 297 -24.32 1.54 14.89
CA GLY B 297 -25.64 2.08 14.56
C GLY B 297 -26.71 1.55 15.50
N SER B 298 -27.62 2.42 15.89
CA SER B 298 -28.70 2.01 16.77
C SER B 298 -30.03 2.54 16.23
N ILE B 299 -31.10 1.88 16.66
CA ILE B 299 -32.47 2.27 16.31
C ILE B 299 -33.35 2.03 17.52
N ASP B 300 -33.96 3.10 18.03
CA ASP B 300 -34.87 3.02 19.18
C ASP B 300 -36.16 2.35 18.73
N LEU B 301 -36.30 1.06 19.09
CA LEU B 301 -37.51 0.34 18.71
C LEU B 301 -38.76 1.03 19.26
N LYS B 302 -38.64 1.71 20.40
CA LYS B 302 -39.81 2.40 20.96
C LYS B 302 -40.22 3.60 20.14
N GLN B 303 -39.45 3.99 19.12
CA GLN B 303 -39.85 5.06 18.20
C GLN B 303 -39.68 4.62 16.75
N LEU B 304 -39.78 3.31 16.50
CA LEU B 304 -39.53 2.76 15.17
C LEU B 304 -40.31 3.51 14.10
N ASP B 305 -41.45 4.10 14.45
CA ASP B 305 -42.29 4.71 13.43
C ASP B 305 -41.83 6.09 13.01
N THR B 306 -41.02 6.76 13.82
CA THR B 306 -40.60 8.12 13.51
C THR B 306 -39.10 8.30 13.26
N VAL B 307 -38.25 7.34 13.68
CA VAL B 307 -36.82 7.50 13.52
C VAL B 307 -36.46 7.64 12.04
N TYR B 308 -35.35 8.31 11.78
CA TYR B 308 -34.82 8.44 10.43
C TYR B 308 -35.87 8.97 9.46
N GLY B 309 -36.71 9.89 9.94
CA GLY B 309 -37.69 10.49 9.06
C GLY B 309 -38.92 9.66 8.82
N GLY B 310 -39.13 8.61 9.62
CA GLY B 310 -40.26 7.72 9.45
C GLY B 310 -40.10 6.68 8.37
N VAL B 311 -38.88 6.46 7.87
CA VAL B 311 -38.73 5.51 6.78
C VAL B 311 -39.22 4.12 7.14
N PHE B 312 -39.25 3.79 8.43
CA PHE B 312 -39.62 2.44 8.85
C PHE B 312 -41.12 2.29 9.07
N LYS B 313 -41.89 3.39 9.09
CA LYS B 313 -43.28 3.31 9.54
C LYS B 313 -44.09 2.33 8.69
N ASN B 314 -43.96 2.43 7.37
CA ASN B 314 -44.65 1.53 6.45
C ASN B 314 -43.77 0.29 6.23
N ARG B 315 -44.08 -0.79 6.95
CA ARG B 315 -43.22 -1.97 6.94
C ARG B 315 -43.06 -2.55 5.54
N LYS B 316 -44.13 -2.57 4.76
CA LYS B 316 -44.00 -3.18 3.45
C LYS B 316 -43.21 -2.30 2.50
N ALA B 317 -43.42 -0.99 2.55
CA ALA B 317 -42.63 -0.10 1.70
C ALA B 317 -41.13 -0.23 2.00
N PHE B 318 -40.78 -0.30 3.29
CA PHE B 318 -39.37 -0.46 3.64
C PHE B 318 -38.82 -1.79 3.13
N ASN B 319 -39.51 -2.89 3.44
CA ASN B 319 -39.03 -4.22 3.07
C ASN B 319 -38.92 -4.43 1.56
N ASP B 320 -39.70 -3.71 0.76
CA ASP B 320 -39.61 -3.80 -0.69
C ASP B 320 -38.48 -2.94 -1.27
N LYS B 321 -38.18 -1.81 -0.62
CA LYS B 321 -37.09 -0.94 -1.02
C LYS B 321 -35.73 -1.53 -0.66
N VAL B 322 -35.60 -2.13 0.52
CA VAL B 322 -34.31 -2.52 1.08
C VAL B 322 -34.24 -4.04 1.05
N HIS B 323 -33.52 -4.58 0.07
CA HIS B 323 -33.54 -6.02 -0.14
C HIS B 323 -32.75 -6.80 0.90
N VAL B 324 -31.74 -6.19 1.50
CA VAL B 324 -30.92 -6.87 2.51
C VAL B 324 -30.65 -5.89 3.62
N PHE B 325 -31.02 -6.25 4.86
CA PHE B 325 -30.71 -5.45 6.04
C PHE B 325 -29.95 -6.37 7.01
N PHE B 326 -28.62 -6.28 6.96
CA PHE B 326 -27.69 -7.25 7.54
C PHE B 326 -27.06 -6.72 8.82
N LEU B 327 -27.15 -7.51 9.89
CA LEU B 327 -26.63 -7.15 11.21
C LEU B 327 -25.74 -8.28 11.70
N GLY B 328 -24.42 -8.05 11.68
CA GLY B 328 -23.44 -9.04 12.07
C GLY B 328 -22.79 -8.65 13.38
N ILE B 329 -22.36 -9.65 14.14
CA ILE B 329 -21.78 -9.43 15.46
C ILE B 329 -20.97 -10.65 15.80
N GLY B 330 -19.96 -10.47 16.65
CA GLY B 330 -19.17 -11.59 17.15
C GLY B 330 -19.74 -12.13 18.45
N SER B 331 -19.71 -13.46 18.58
CA SER B 331 -20.24 -14.10 19.78
C SER B 331 -19.51 -13.66 21.05
N GLU B 332 -18.30 -13.13 20.93
CA GLU B 332 -17.52 -12.78 22.10
C GLU B 332 -17.43 -11.28 22.34
N GLU B 333 -18.31 -10.50 21.71
CA GLU B 333 -18.38 -9.08 21.97
C GLU B 333 -19.81 -8.68 22.30
N HIS B 334 -20.43 -9.46 23.18
CA HIS B 334 -21.77 -9.17 23.71
C HIS B 334 -22.79 -9.05 22.59
N PRO B 335 -23.13 -10.16 21.93
CA PRO B 335 -24.07 -10.07 20.80
C PRO B 335 -25.47 -9.65 21.19
N GLU B 336 -25.84 -9.71 22.48
CA GLU B 336 -27.25 -9.61 22.86
C GLU B 336 -27.88 -8.32 22.36
N ARG B 337 -27.15 -7.21 22.38
CA ARG B 337 -27.79 -5.96 21.97
C ARG B 337 -28.03 -5.91 20.46
N THR B 338 -27.16 -6.55 19.67
CA THR B 338 -27.43 -6.71 18.24
C THR B 338 -28.56 -7.72 18.01
N LYS B 339 -28.52 -8.86 18.71
CA LYS B 339 -29.57 -9.86 18.55
C LYS B 339 -30.94 -9.28 18.89
N ASN B 340 -31.01 -8.43 19.93
CA ASN B 340 -32.29 -7.83 20.32
C ASN B 340 -32.79 -6.85 19.28
N LEU B 341 -31.90 -6.05 18.70
CA LEU B 341 -32.32 -5.15 17.63
C LEU B 341 -32.91 -5.93 16.46
N SER B 342 -32.19 -6.98 16.03
CA SER B 342 -32.66 -7.84 14.94
C SER B 342 -34.00 -8.49 15.28
N ASP B 343 -34.10 -9.10 16.46
CA ASP B 343 -35.37 -9.71 16.88
C ASP B 343 -36.49 -8.67 17.01
N GLY B 344 -36.18 -7.50 17.59
CA GLY B 344 -37.20 -6.47 17.74
C GLY B 344 -37.67 -5.91 16.40
N LEU B 345 -36.74 -5.68 15.47
CA LEU B 345 -37.13 -5.29 14.13
C LEU B 345 -38.04 -6.34 13.50
N GLN B 346 -37.64 -7.61 13.57
CA GLN B 346 -38.47 -8.66 12.98
C GLN B 346 -39.85 -8.74 13.66
N ALA B 347 -39.92 -8.57 14.99
CA ALA B 347 -41.20 -8.62 15.66
C ALA B 347 -42.11 -7.47 15.28
N ALA B 348 -41.52 -6.35 14.87
CA ALA B 348 -42.30 -5.21 14.40
C ALA B 348 -42.62 -5.27 12.93
N GLY B 349 -42.09 -6.26 12.21
CA GLY B 349 -42.37 -6.39 10.80
C GLY B 349 -41.29 -5.91 9.85
N ILE B 350 -40.10 -5.60 10.34
CA ILE B 350 -38.99 -5.18 9.49
C ILE B 350 -38.06 -6.38 9.29
N ASN B 351 -37.83 -6.78 8.04
CA ASN B 351 -36.96 -7.90 7.76
C ASN B 351 -35.50 -7.59 8.09
N THR B 352 -34.79 -8.58 8.61
CA THR B 352 -33.36 -8.48 8.83
C THR B 352 -32.70 -9.83 8.57
N ILE B 353 -31.40 -9.78 8.32
CA ILE B 353 -30.52 -10.94 8.32
C ILE B 353 -29.61 -10.79 9.53
N TYR B 354 -29.67 -11.72 10.47
CA TYR B 354 -28.78 -11.70 11.62
C TYR B 354 -27.68 -12.73 11.43
N TYR B 355 -26.44 -12.33 11.71
CA TYR B 355 -25.31 -13.24 11.61
C TYR B 355 -24.41 -13.05 12.82
N GLU B 356 -24.00 -14.17 13.42
CA GLU B 356 -23.19 -14.17 14.63
C GLU B 356 -21.92 -14.95 14.34
N SER B 357 -20.78 -14.30 14.47
CA SER B 357 -19.52 -14.99 14.18
C SER B 357 -19.10 -15.77 15.42
N PRO B 358 -19.00 -17.09 15.34
CA PRO B 358 -18.74 -17.89 16.55
C PRO B 358 -17.25 -17.86 16.89
N GLY B 359 -16.95 -17.44 18.12
CA GLY B 359 -15.60 -17.47 18.63
C GLY B 359 -14.78 -16.21 18.47
N THR B 360 -15.33 -15.14 17.88
CA THR B 360 -14.56 -13.94 17.59
C THR B 360 -15.16 -12.75 18.31
N ALA B 361 -14.36 -11.70 18.44
CA ALA B 361 -14.83 -10.48 19.08
C ALA B 361 -14.74 -9.28 18.14
N HIS B 362 -14.35 -8.12 18.68
CA HIS B 362 -14.30 -6.88 17.92
C HIS B 362 -12.94 -6.76 17.22
N GLU B 363 -12.64 -7.75 16.39
CA GLU B 363 -11.38 -7.81 15.66
C GLU B 363 -11.74 -8.08 14.21
N PHE B 364 -10.75 -8.35 13.36
CA PHE B 364 -11.02 -8.37 11.93
C PHE B 364 -11.56 -9.69 11.38
N LEU B 365 -11.34 -10.82 12.03
CA LEU B 365 -11.89 -12.06 11.48
C LEU B 365 -13.42 -12.03 11.49
N THR B 366 -14.01 -11.47 12.55
CA THR B 366 -15.45 -11.24 12.57
C THR B 366 -15.91 -10.53 11.31
N TRP B 367 -15.18 -9.49 10.91
CA TRP B 367 -15.63 -8.69 9.78
C TRP B 367 -15.29 -9.34 8.45
N ARG B 368 -14.22 -10.14 8.39
CA ARG B 368 -14.02 -10.96 7.20
C ARG B 368 -15.18 -11.92 7.01
N ARG B 369 -15.65 -12.49 8.12
CA ARG B 369 -16.79 -13.41 8.05
C ARG B 369 -18.08 -12.69 7.69
N CYS B 370 -18.30 -11.48 8.24
CA CYS B 370 -19.46 -10.70 7.84
C CYS B 370 -19.45 -10.44 6.35
N LEU B 371 -18.30 -10.06 5.79
CA LEU B 371 -18.25 -9.82 4.35
C LEU B 371 -18.52 -11.11 3.60
N LYS B 372 -17.94 -12.23 4.05
CA LYS B 372 -18.20 -13.52 3.41
C LYS B 372 -19.68 -13.88 3.43
N GLU B 373 -20.42 -13.48 4.46
CA GLU B 373 -21.85 -13.79 4.54
C GLU B 373 -22.71 -12.80 3.77
N PHE B 374 -22.35 -11.52 3.81
CA PHE B 374 -23.13 -10.42 3.26
C PHE B 374 -23.03 -10.34 1.74
N ALA B 375 -21.82 -10.41 1.18
CA ALA B 375 -21.66 -10.12 -0.24
C ALA B 375 -22.44 -11.09 -1.13
N PRO B 376 -22.60 -12.37 -0.79
CA PRO B 376 -23.42 -13.26 -1.63
C PRO B 376 -24.89 -12.89 -1.67
N LEU B 377 -25.36 -12.01 -0.79
CA LEU B 377 -26.77 -11.65 -0.77
C LEU B 377 -27.11 -10.50 -1.72
N LEU B 378 -26.12 -9.85 -2.31
CA LEU B 378 -26.34 -8.57 -2.96
C LEU B 378 -26.72 -8.77 -4.42
N PHE B 379 -27.56 -7.86 -4.94
CA PHE B 379 -27.76 -7.74 -6.38
C PHE B 379 -28.35 -9.01 -6.98
N LYS B 380 -29.33 -9.60 -6.28
CA LYS B 380 -29.95 -10.85 -6.70
C LYS B 380 -31.48 -10.81 -6.63
#